data_8WXD
#
_entry.id   8WXD
#
_cell.length_a   60.593
_cell.length_b   89.949
_cell.length_c   216.408
_cell.angle_alpha   90.00
_cell.angle_beta   90.00
_cell.angle_gamma   90.00
#
_symmetry.space_group_name_H-M   'P 2 21 21'
#
loop_
_entity.id
_entity.type
_entity.pdbx_description
1 polymer 'Surface protein, putative'
2 non-polymer 'SODIUM ION'
3 non-polymer 'SULFATE ION'
4 non-polymer GLYCEROL
5 non-polymer 'CADMIUM ION'
6 non-polymer 'CHLORIDE ION'
7 water water
#
_entity_poly.entity_id   1
_entity_poly.type   'polypeptide(L)'
_entity_poly.pdbx_seq_one_letter_code
;MGSSHHHHHHSSGLVPRRGSHMSADTTYTIQLSGTSEGHYYEVYHIFSGTLDTSNTLTNIEWAPGVTEAGRTHFGNASDK
AASLSGKQNDSAEVKAFAQELNQYLSSAGVTTVQSQQGTTTISGLKPGYYLIKDSRGSLDNKKGHAYTSFMLQVAKDTTV
AVKADVPTLTKQVRANGSQNYTAATDYRIGQNILFQITATLPSNYADFTRYEFTIKDTIPAGMTYNNDAQVYLQEGGTEK
DISTFFPISYTGNVITITPGDLKYVQDVKVSSKIVIRYTARLNDDAVMGGLGNPNIARLTYSNDPNGFTSTTAETPDTKA
NVYTYQLKVNKVKENQQALAGAGFTLYKKVNNQYTEIKKFEADSNSTFDFKGLDSGDYKLVESTVPSGYNAMKDIEFTIS
GTIDSTGDLTNLTATSATASFETDVNTGIITLKVVNKQGALLPNTGGIGTT
;
_entity_poly.pdbx_strand_id   A,B
#
loop_
_chem_comp.id
_chem_comp.type
_chem_comp.name
_chem_comp.formula
CD non-polymer 'CADMIUM ION' 'Cd 2'
CL non-polymer 'CHLORIDE ION' 'Cl -1'
GOL non-polymer GLYCEROL 'C3 H8 O3'
NA non-polymer 'SODIUM ION' 'Na 1'
SO4 non-polymer 'SULFATE ION' 'O4 S -2'
#
# COMPACT_ATOMS: atom_id res chain seq x y z
N THR A 27 22.69 67.63 8.29
CA THR A 27 22.63 66.13 8.09
C THR A 27 21.37 65.70 7.30
N TYR A 28 21.49 64.62 6.52
CA TYR A 28 20.45 64.21 5.54
C TYR A 28 20.04 62.76 5.79
N THR A 29 18.90 62.36 5.21
CA THR A 29 18.34 61.00 5.32
C THR A 29 17.95 60.53 3.91
N ILE A 30 18.66 59.54 3.37
CA ILE A 30 18.27 58.83 2.12
C ILE A 30 17.29 57.70 2.49
N GLN A 31 16.18 57.62 1.76
CA GLN A 31 15.23 56.48 1.87
C GLN A 31 15.44 55.58 0.67
N LEU A 32 15.72 54.32 0.95
CA LEU A 32 16.11 53.33 -0.08
C LEU A 32 14.92 52.38 -0.25
N SER A 33 14.15 52.60 -1.30
CA SER A 33 12.89 51.90 -1.59
C SER A 33 13.15 50.61 -2.37
N GLY A 34 12.17 49.69 -2.35
CA GLY A 34 12.23 48.36 -2.98
C GLY A 34 13.13 47.40 -2.21
N THR A 35 13.36 47.55 -0.91
CA THR A 35 14.23 46.62 -0.14
C THR A 35 13.41 45.47 0.47
N SER A 36 14.10 44.44 0.92
CA SER A 36 13.55 43.31 1.70
C SER A 36 14.35 43.28 3.00
N GLU A 37 13.96 42.46 3.96
CA GLU A 37 14.83 42.17 5.10
C GLU A 37 15.96 41.34 4.56
N GLY A 38 16.99 41.17 5.37
CA GLY A 38 18.11 40.27 5.08
C GLY A 38 19.40 40.98 4.77
N HIS A 39 19.35 42.24 4.31
CA HIS A 39 20.56 42.92 3.77
C HIS A 39 21.16 43.80 4.86
N TYR A 40 22.47 43.99 4.75
CA TYR A 40 23.24 45.07 5.43
C TYR A 40 23.84 45.96 4.34
N TYR A 41 23.22 47.12 4.14
CA TYR A 41 23.64 48.13 3.15
C TYR A 41 24.73 49.00 3.78
N GLU A 42 25.87 49.07 3.12
CA GLU A 42 27.01 49.91 3.55
C GLU A 42 27.04 51.19 2.73
N VAL A 43 27.15 52.32 3.42
CA VAL A 43 27.07 53.68 2.84
C VAL A 43 28.39 54.39 3.11
N TYR A 44 29.16 54.60 2.06
CA TYR A 44 30.54 55.11 2.13
C TYR A 44 30.55 56.60 1.78
N HIS A 45 31.02 57.41 2.69
CA HIS A 45 31.18 58.87 2.48
C HIS A 45 32.37 59.09 1.52
N ILE A 46 32.10 59.44 0.26
CA ILE A 46 33.12 59.58 -0.82
C ILE A 46 33.60 61.04 -0.90
N PHE A 47 32.67 61.99 -1.02
CA PHE A 47 32.99 63.44 -1.05
C PHE A 47 32.24 64.07 0.12
N SER A 48 32.94 64.89 0.90
CA SER A 48 32.36 65.94 1.77
C SER A 48 32.27 67.21 0.95
N GLY A 49 31.31 68.05 1.28
CA GLY A 49 31.20 69.41 0.74
C GLY A 49 29.95 70.06 1.28
N THR A 50 29.60 71.21 0.74
CA THR A 50 28.38 71.96 1.16
C THR A 50 27.39 71.86 0.01
N LEU A 51 26.18 71.48 0.38
CA LEU A 51 25.01 71.50 -0.50
C LEU A 51 24.29 72.83 -0.28
N ASP A 52 24.09 73.63 -1.31
CA ASP A 52 23.55 75.02 -1.10
C ASP A 52 22.02 74.94 -1.24
N THR A 53 21.35 76.10 -1.19
CA THR A 53 19.93 76.29 -1.58
C THR A 53 19.72 75.64 -2.97
N SER A 54 20.64 75.89 -3.92
CA SER A 54 20.73 75.16 -5.21
C SER A 54 21.25 73.74 -4.95
N ASN A 55 21.01 72.81 -5.87
CA ASN A 55 21.30 71.37 -5.60
C ASN A 55 22.74 71.05 -6.01
N THR A 56 23.68 72.01 -5.96
CA THR A 56 25.11 71.75 -6.32
C THR A 56 25.92 71.48 -5.03
N LEU A 57 26.97 70.67 -5.18
CA LEU A 57 27.93 70.36 -4.11
C LEU A 57 29.17 71.21 -4.36
N THR A 58 29.60 71.91 -3.32
CA THR A 58 30.79 72.78 -3.39
C THR A 58 31.77 72.47 -2.27
N ASN A 59 33.00 72.92 -2.47
CA ASN A 59 34.09 72.81 -1.47
C ASN A 59 34.28 71.31 -1.23
N ILE A 60 34.54 70.58 -2.33
CA ILE A 60 34.57 69.09 -2.38
C ILE A 60 35.96 68.62 -1.98
N GLU A 61 35.99 67.77 -0.95
CA GLU A 61 37.18 67.07 -0.46
C GLU A 61 36.83 65.57 -0.39
N TRP A 62 37.85 64.72 -0.40
CA TRP A 62 37.70 63.27 -0.15
C TRP A 62 37.28 63.11 1.29
N ALA A 63 36.26 62.28 1.52
CA ALA A 63 35.76 61.97 2.88
C ALA A 63 36.44 60.68 3.33
N PRO A 64 36.21 60.25 4.58
CA PRO A 64 36.97 59.13 5.15
C PRO A 64 36.66 57.77 4.50
N GLY A 65 35.59 57.69 3.70
CA GLY A 65 35.20 56.45 3.01
C GLY A 65 36.15 56.11 1.89
N VAL A 66 37.07 56.99 1.52
CA VAL A 66 38.01 56.63 0.41
C VAL A 66 39.42 56.55 0.96
N THR A 67 40.19 55.53 0.54
CA THR A 67 41.58 55.31 1.01
C THR A 67 42.50 56.29 0.31
N GLU A 68 43.70 56.46 0.86
CA GLU A 68 44.70 57.42 0.33
C GLU A 68 45.15 56.94 -1.06
N ALA A 69 45.09 55.64 -1.30
CA ALA A 69 45.44 55.04 -2.61
C ALA A 69 44.42 55.48 -3.66
N GLY A 70 43.14 55.42 -3.29
CA GLY A 70 42.06 55.92 -4.16
C GLY A 70 42.24 57.41 -4.41
N ARG A 71 42.40 58.18 -3.35
CA ARG A 71 42.56 59.68 -3.43
C ARG A 71 43.68 60.00 -4.41
N THR A 72 44.79 59.26 -4.34
CA THR A 72 45.96 59.49 -5.24
C THR A 72 45.52 59.21 -6.67
N HIS A 73 44.89 58.05 -6.87
CA HIS A 73 44.51 57.51 -8.20
C HIS A 73 43.54 58.49 -8.86
N PHE A 74 42.52 58.94 -8.14
CA PHE A 74 41.42 59.78 -8.72
C PHE A 74 41.84 61.25 -8.79
N GLY A 75 42.86 61.64 -8.02
CA GLY A 75 43.42 63.00 -8.04
C GLY A 75 42.57 63.92 -7.18
N ASN A 76 42.72 65.22 -7.45
CA ASN A 76 41.99 66.29 -6.76
C ASN A 76 40.51 65.94 -6.74
N ALA A 77 39.90 65.99 -5.54
CA ALA A 77 38.49 65.59 -5.27
C ALA A 77 37.56 66.51 -6.03
N SER A 78 37.79 67.81 -5.93
CA SER A 78 36.89 68.82 -6.52
C SER A 78 36.94 68.68 -8.05
N ASP A 79 38.11 68.41 -8.63
CA ASP A 79 38.29 68.26 -10.11
C ASP A 79 37.65 66.93 -10.57
N LYS A 80 37.72 65.88 -9.76
CA LYS A 80 37.02 64.60 -10.07
C LYS A 80 35.50 64.82 -10.12
N ALA A 81 34.96 65.44 -9.07
CA ALA A 81 33.55 65.90 -9.01
C ALA A 81 33.20 66.67 -10.28
N ALA A 82 34.06 67.61 -10.71
CA ALA A 82 33.81 68.47 -11.87
C ALA A 82 33.68 67.62 -13.16
N SER A 83 34.54 66.64 -13.40
CA SER A 83 34.44 65.77 -14.60
C SER A 83 33.10 65.00 -14.60
N LEU A 84 32.45 64.79 -13.44
CA LEU A 84 31.19 64.01 -13.32
C LEU A 84 29.97 64.93 -13.36
N SER A 85 30.19 66.24 -13.30
CA SER A 85 29.14 67.27 -13.19
C SER A 85 28.32 67.25 -14.48
N GLY A 86 27.00 67.29 -14.34
CA GLY A 86 26.07 67.25 -15.48
C GLY A 86 25.94 65.86 -16.12
N LYS A 87 26.77 64.86 -15.83
CA LYS A 87 26.63 63.53 -16.52
C LYS A 87 25.28 62.90 -16.13
N GLN A 88 24.76 61.99 -16.96
CA GLN A 88 23.47 61.33 -16.70
C GLN A 88 23.59 60.41 -15.47
N ASN A 89 22.48 60.23 -14.77
CA ASN A 89 22.28 59.38 -13.57
C ASN A 89 22.67 57.92 -13.88
N ASP A 90 22.40 57.45 -15.09
CA ASP A 90 22.69 56.07 -15.51
C ASP A 90 23.89 56.09 -16.46
N SER A 91 24.69 57.14 -16.47
CA SER A 91 25.77 57.27 -17.50
C SER A 91 26.87 56.24 -17.21
N ALA A 92 27.64 55.87 -18.25
CA ALA A 92 28.85 55.03 -18.17
C ALA A 92 29.83 55.60 -17.16
N GLU A 93 30.01 56.91 -17.11
CA GLU A 93 31.05 57.58 -16.27
C GLU A 93 30.72 57.35 -14.79
N VAL A 94 29.47 57.44 -14.38
CA VAL A 94 29.06 57.26 -12.95
C VAL A 94 29.19 55.80 -12.56
N LYS A 95 28.72 54.91 -13.41
CA LYS A 95 28.89 53.45 -13.26
C LYS A 95 30.37 53.12 -12.99
N ALA A 96 31.30 53.63 -13.83
CA ALA A 96 32.74 53.26 -13.83
C ALA A 96 33.36 53.80 -12.55
N PHE A 97 33.05 55.03 -12.17
CA PHE A 97 33.44 55.61 -10.86
C PHE A 97 32.97 54.72 -9.70
N ALA A 98 31.69 54.38 -9.64
CA ALA A 98 31.12 53.50 -8.58
C ALA A 98 31.89 52.18 -8.58
N GLN A 99 32.17 51.60 -9.75
CA GLN A 99 32.91 50.32 -9.86
C GLN A 99 34.34 50.54 -9.37
N GLU A 100 35.06 51.55 -9.86
CA GLU A 100 36.50 51.66 -9.55
C GLU A 100 36.67 52.14 -8.11
N LEU A 101 35.68 52.83 -7.55
CA LEU A 101 35.71 53.26 -6.14
C LEU A 101 35.84 52.05 -5.24
N ASN A 102 35.17 50.95 -5.61
CA ASN A 102 34.93 49.81 -4.70
C ASN A 102 36.27 49.27 -4.19
N GLN A 103 37.32 49.24 -5.02
CA GLN A 103 38.62 48.68 -4.60
C GLN A 103 39.32 49.66 -3.64
N TYR A 104 38.79 50.86 -3.43
CA TYR A 104 39.48 51.88 -2.60
C TYR A 104 38.62 52.26 -1.40
N LEU A 105 37.60 51.50 -1.05
CA LEU A 105 36.71 51.88 0.08
C LEU A 105 37.45 51.65 1.39
N SER A 106 37.09 52.42 2.41
CA SER A 106 37.58 52.31 3.80
C SER A 106 36.40 52.31 4.76
N SER A 107 36.49 51.52 5.82
CA SER A 107 35.45 51.49 6.89
C SER A 107 35.66 52.64 7.89
N ALA A 108 36.59 53.55 7.60
CA ALA A 108 36.81 54.79 8.38
C ALA A 108 35.62 55.76 8.18
N GLY A 109 35.01 55.72 7.00
CA GLY A 109 33.82 56.53 6.65
C GLY A 109 32.68 55.65 6.19
N VAL A 110 32.32 54.59 6.93
CA VAL A 110 31.21 53.66 6.57
C VAL A 110 30.09 53.76 7.61
N THR A 111 28.85 53.89 7.13
CA THR A 111 27.59 53.70 7.88
C THR A 111 26.97 52.38 7.36
N THR A 112 26.55 51.49 8.24
CA THR A 112 25.96 50.17 7.85
C THR A 112 24.55 50.08 8.41
N VAL A 113 23.60 49.70 7.60
CA VAL A 113 22.18 49.74 8.01
C VAL A 113 21.53 48.40 7.64
N GLN A 114 20.72 47.84 8.55
CA GLN A 114 19.89 46.64 8.34
C GLN A 114 18.67 47.03 7.50
N SER A 115 18.37 46.26 6.46
CA SER A 115 17.29 46.57 5.49
C SER A 115 15.93 46.26 6.10
N GLN A 116 14.98 47.18 5.95
CA GLN A 116 13.57 47.00 6.37
C GLN A 116 12.82 46.40 5.19
N GLN A 117 11.62 45.85 5.45
CA GLN A 117 10.70 45.45 4.37
C GLN A 117 10.13 46.70 3.69
N GLY A 118 10.44 46.95 2.42
CA GLY A 118 9.81 48.01 1.61
C GLY A 118 10.74 49.21 1.40
N THR A 119 11.11 49.91 2.47
CA THR A 119 11.95 51.14 2.41
C THR A 119 12.90 51.18 3.61
N THR A 120 14.18 51.35 3.31
CA THR A 120 15.29 51.38 4.30
C THR A 120 15.70 52.85 4.49
N THR A 121 15.53 53.37 5.69
CA THR A 121 15.87 54.77 6.04
C THR A 121 17.33 54.84 6.48
N ILE A 122 18.10 55.78 5.93
CA ILE A 122 19.55 55.93 6.25
C ILE A 122 19.78 57.37 6.76
N SER A 123 19.82 57.53 8.08
CA SER A 123 19.80 58.84 8.80
C SER A 123 21.22 59.34 9.07
N GLY A 124 21.29 60.62 9.48
CA GLY A 124 22.49 61.26 10.05
C GLY A 124 23.57 61.40 8.99
N LEU A 125 23.22 61.47 7.71
CA LEU A 125 24.24 61.62 6.63
C LEU A 125 24.75 63.07 6.59
N LYS A 126 26.01 63.27 6.94
CA LYS A 126 26.79 64.50 6.64
C LYS A 126 26.68 64.80 5.14
N PRO A 127 26.71 66.09 4.74
CA PRO A 127 26.45 66.41 3.34
C PRO A 127 27.57 65.84 2.45
N GLY A 128 27.27 65.59 1.18
CA GLY A 128 28.30 65.06 0.25
C GLY A 128 27.78 63.96 -0.66
N TYR A 129 28.68 63.08 -1.08
CA TYR A 129 28.45 62.02 -2.10
C TYR A 129 28.72 60.68 -1.41
N TYR A 130 27.81 59.71 -1.54
CA TYR A 130 27.89 58.40 -0.85
C TYR A 130 27.86 57.30 -1.92
N LEU A 131 28.66 56.26 -1.68
CA LEU A 131 28.49 54.97 -2.38
C LEU A 131 27.75 54.00 -1.46
N ILE A 132 26.60 53.48 -1.93
CA ILE A 132 25.76 52.46 -1.26
C ILE A 132 25.95 51.11 -1.97
N LYS A 133 26.27 50.09 -1.19
CA LYS A 133 26.36 48.70 -1.68
C LYS A 133 25.89 47.76 -0.57
N ASP A 134 25.39 46.58 -0.96
CA ASP A 134 25.35 45.40 -0.08
C ASP A 134 26.75 45.20 0.47
N SER A 135 26.83 44.93 1.77
CA SER A 135 28.04 44.40 2.43
C SER A 135 28.52 43.11 1.74
N ARG A 136 29.83 43.06 1.49
CA ARG A 136 30.55 41.95 0.83
C ARG A 136 30.20 40.59 1.45
N GLY A 137 29.78 39.62 0.65
CA GLY A 137 29.47 38.24 1.11
C GLY A 137 28.22 38.12 1.98
N SER A 138 27.54 39.23 2.21
CA SER A 138 26.43 39.43 3.17
C SER A 138 25.25 38.49 2.85
N LEU A 139 25.17 37.99 1.62
CA LEU A 139 23.95 37.28 1.15
C LEU A 139 24.29 35.83 0.76
N ASP A 140 25.45 35.29 1.11
CA ASP A 140 25.97 34.03 0.51
C ASP A 140 25.22 32.80 1.02
N ASN A 141 24.77 32.77 2.27
CA ASN A 141 24.01 31.58 2.73
C ASN A 141 22.50 31.75 2.47
N LYS A 142 22.04 32.93 2.07
CA LYS A 142 20.58 33.23 2.03
C LYS A 142 20.04 33.01 0.62
N LYS A 143 18.81 32.56 0.52
CA LYS A 143 18.14 32.27 -0.77
C LYS A 143 17.21 33.42 -1.11
N GLY A 144 16.99 33.67 -2.40
CA GLY A 144 15.99 34.65 -2.92
C GLY A 144 16.45 36.12 -2.84
N HIS A 145 17.76 36.38 -2.69
CA HIS A 145 18.29 37.76 -2.56
C HIS A 145 19.24 38.06 -3.71
N ALA A 146 19.53 39.34 -3.90
CA ALA A 146 20.51 39.77 -4.90
C ALA A 146 21.21 41.03 -4.42
N TYR A 147 22.51 41.13 -4.74
CA TYR A 147 23.38 42.30 -4.45
C TYR A 147 22.98 43.46 -5.37
N THR A 148 22.93 44.66 -4.81
CA THR A 148 22.57 45.88 -5.57
C THR A 148 23.80 46.32 -6.38
N SER A 149 23.57 46.84 -7.57
CA SER A 149 24.54 47.73 -8.25
C SER A 149 25.02 48.75 -7.22
N PHE A 150 26.31 49.01 -7.21
CA PHE A 150 26.88 50.15 -6.48
C PHE A 150 26.09 51.39 -6.92
N MET A 151 25.54 52.07 -5.92
CA MET A 151 24.79 53.33 -6.09
C MET A 151 25.61 54.50 -5.58
N LEU A 152 25.87 55.43 -6.47
CA LEU A 152 26.39 56.76 -6.05
C LEU A 152 25.20 57.70 -5.82
N GLN A 153 25.18 58.37 -4.68
CA GLN A 153 24.06 59.22 -4.26
C GLN A 153 24.62 60.46 -3.58
N VAL A 154 24.09 61.62 -3.94
CA VAL A 154 24.23 62.88 -3.16
C VAL A 154 23.31 62.77 -1.94
N ALA A 155 23.83 63.06 -0.76
CA ALA A 155 23.02 63.15 0.45
C ALA A 155 22.01 64.31 0.30
N LYS A 156 20.75 63.97 0.06
CA LYS A 156 19.58 64.87 0.27
C LYS A 156 18.54 64.14 1.14
N ASP A 157 17.44 64.82 1.48
CA ASP A 157 16.27 64.19 2.10
C ASP A 157 15.43 63.63 0.95
N THR A 158 15.81 62.47 0.41
CA THR A 158 15.34 61.96 -0.90
C THR A 158 15.05 60.46 -0.81
N THR A 159 14.28 59.94 -1.77
CA THR A 159 13.97 58.49 -1.90
C THR A 159 14.57 57.96 -3.19
N VAL A 160 15.41 56.94 -3.11
CA VAL A 160 15.95 56.28 -4.33
C VAL A 160 15.69 54.77 -4.27
N ALA A 161 15.26 54.19 -5.38
CA ALA A 161 14.98 52.74 -5.42
C ALA A 161 16.31 51.99 -5.42
N VAL A 162 16.45 50.98 -4.57
CA VAL A 162 17.67 50.15 -4.58
C VAL A 162 17.84 49.53 -5.98
N LYS A 163 19.07 49.40 -6.49
CA LYS A 163 19.33 48.84 -7.84
C LYS A 163 19.56 47.33 -7.72
N ALA A 164 18.60 46.63 -7.12
CA ALA A 164 18.66 45.16 -6.91
C ALA A 164 17.30 44.56 -7.25
N ASP A 165 17.26 43.49 -8.03
CA ASP A 165 16.04 42.65 -8.10
C ASP A 165 16.48 41.19 -8.09
N VAL A 166 15.50 40.30 -7.97
CA VAL A 166 15.73 38.83 -7.99
C VAL A 166 14.78 38.26 -9.02
N PRO A 167 15.17 37.17 -9.71
CA PRO A 167 14.23 36.40 -10.49
C PRO A 167 13.29 35.65 -9.53
N THR A 168 12.17 35.19 -10.07
CA THR A 168 11.29 34.23 -9.37
C THR A 168 11.18 32.93 -10.16
N LEU A 169 10.90 31.86 -9.43
CA LEU A 169 10.56 30.56 -10.03
C LEU A 169 9.26 30.04 -9.40
N THR A 170 8.26 29.79 -10.24
CA THR A 170 6.94 29.21 -9.87
C THR A 170 6.76 27.89 -10.59
N LYS A 171 6.32 26.88 -9.84
CA LYS A 171 6.00 25.57 -10.40
C LYS A 171 4.54 25.29 -10.10
N GLN A 172 3.85 24.77 -11.11
CA GLN A 172 2.47 24.29 -10.94
C GLN A 172 2.20 23.08 -11.81
N VAL A 173 1.08 22.45 -11.50
CA VAL A 173 0.63 21.21 -12.16
C VAL A 173 -0.71 21.52 -12.82
N ARG A 174 -0.91 21.05 -14.04
CA ARG A 174 -2.25 21.22 -14.68
C ARG A 174 -3.26 20.32 -13.97
N ALA A 175 -4.36 20.93 -13.55
CA ALA A 175 -5.39 20.29 -12.71
C ALA A 175 -6.11 19.21 -13.53
N ASN A 176 -6.69 18.26 -12.80
CA ASN A 176 -7.54 17.16 -13.31
C ASN A 176 -8.65 17.79 -14.19
N GLY A 177 -8.57 17.60 -15.52
CA GLY A 177 -9.67 17.92 -16.47
C GLY A 177 -10.22 19.33 -16.30
N SER A 178 -9.38 20.26 -15.84
CA SER A 178 -9.72 21.68 -15.59
C SER A 178 -8.93 22.56 -16.58
N GLN A 179 -7.77 22.08 -17.05
CA GLN A 179 -6.91 22.68 -18.12
C GLN A 179 -6.18 23.93 -17.59
N ASN A 180 -6.39 24.32 -16.33
CA ASN A 180 -5.58 25.42 -15.72
C ASN A 180 -4.63 24.84 -14.67
N TYR A 181 -3.64 25.63 -14.30
CA TYR A 181 -2.51 25.21 -13.44
C TYR A 181 -2.79 25.59 -12.00
N THR A 182 -2.27 24.80 -11.09
CA THR A 182 -2.56 24.92 -9.65
C THR A 182 -1.41 24.30 -8.86
N ALA A 183 -1.38 24.52 -7.55
CA ALA A 183 -0.31 24.04 -6.67
C ALA A 183 -0.48 22.55 -6.48
N ALA A 184 -1.69 22.00 -6.56
CA ALA A 184 -1.87 20.55 -6.33
C ALA A 184 -3.20 20.03 -6.87
N THR A 185 -3.23 18.76 -7.24
CA THR A 185 -4.41 18.11 -7.83
C THR A 185 -4.35 16.60 -7.54
N ASP A 186 -5.30 15.83 -8.06
CA ASP A 186 -5.25 14.36 -7.91
C ASP A 186 -5.33 13.73 -9.30
N TYR A 187 -4.61 12.65 -9.46
CA TYR A 187 -4.60 11.86 -10.71
C TYR A 187 -4.65 10.38 -10.33
N ARG A 188 -4.88 9.54 -11.33
CA ARG A 188 -4.76 8.07 -11.22
C ARG A 188 -3.36 7.67 -11.66
N ILE A 189 -2.88 6.59 -11.09
CA ILE A 189 -1.59 5.95 -11.45
C ILE A 189 -1.67 5.63 -12.96
N GLY A 190 -0.60 5.96 -13.70
CA GLY A 190 -0.45 5.65 -15.13
C GLY A 190 -0.89 6.81 -15.99
N GLN A 191 -1.64 7.80 -15.48
CA GLN A 191 -2.10 8.98 -16.26
C GLN A 191 -0.95 10.00 -16.37
N ASN A 192 -0.73 10.54 -17.58
CA ASN A 192 0.32 11.55 -17.88
C ASN A 192 -0.13 12.92 -17.37
N ILE A 193 0.73 13.61 -16.65
CA ILE A 193 0.35 14.85 -15.92
C ILE A 193 1.26 15.97 -16.41
N LEU A 194 0.66 17.10 -16.77
CA LEU A 194 1.36 18.24 -17.37
C LEU A 194 1.80 19.18 -16.26
N PHE A 195 3.09 19.49 -16.26
CA PHE A 195 3.73 20.39 -15.28
C PHE A 195 4.28 21.63 -15.99
N GLN A 196 4.35 22.71 -15.23
CA GLN A 196 4.84 23.99 -15.78
C GLN A 196 5.66 24.74 -14.74
N ILE A 197 6.86 25.15 -15.15
CA ILE A 197 7.77 25.99 -14.35
C ILE A 197 7.95 27.32 -15.09
N THR A 198 7.64 28.42 -14.40
CA THR A 198 7.69 29.81 -14.92
C THR A 198 8.81 30.58 -14.22
N ALA A 199 9.84 31.00 -14.95
CA ALA A 199 10.90 31.90 -14.43
C ALA A 199 10.62 33.31 -14.89
N THR A 200 10.52 34.27 -13.99
CA THR A 200 10.64 35.72 -14.32
C THR A 200 12.12 36.13 -14.17
N LEU A 201 12.54 37.18 -14.86
CA LEU A 201 13.93 37.68 -14.79
C LEU A 201 13.94 38.94 -13.93
N PRO A 202 15.07 39.31 -13.32
CA PRO A 202 15.10 40.49 -12.45
C PRO A 202 15.04 41.78 -13.28
N SER A 203 14.49 42.88 -12.70
CA SER A 203 14.30 44.20 -13.39
C SER A 203 15.64 44.72 -13.93
N ASN A 204 16.79 44.32 -13.35
CA ASN A 204 18.15 44.75 -13.81
C ASN A 204 18.82 43.66 -14.63
N TYR A 205 18.07 42.82 -15.35
CA TYR A 205 18.68 41.76 -16.19
C TYR A 205 19.76 42.34 -17.12
N ALA A 206 19.52 43.52 -17.71
CA ALA A 206 20.44 44.10 -18.72
C ALA A 206 21.73 44.58 -18.03
N ASP A 207 21.75 44.75 -16.70
CA ASP A 207 22.96 45.20 -15.95
C ASP A 207 23.99 44.05 -15.84
N PHE A 208 23.61 42.81 -16.17
CA PHE A 208 24.53 41.63 -16.14
C PHE A 208 25.21 41.52 -17.51
N THR A 209 26.47 41.14 -17.50
CA THR A 209 27.25 40.77 -18.70
C THR A 209 26.96 39.31 -19.07
N ARG A 210 26.84 38.48 -18.03
CA ARG A 210 26.56 37.00 -18.07
C ARG A 210 25.50 36.71 -17.01
N TYR A 211 24.63 35.73 -17.23
CA TYR A 211 23.54 35.41 -16.28
C TYR A 211 23.40 33.91 -16.19
N GLU A 212 24.04 33.32 -15.19
CA GLU A 212 23.91 31.87 -14.92
C GLU A 212 22.46 31.65 -14.56
N PHE A 213 21.91 30.59 -15.13
CA PHE A 213 20.49 30.23 -15.04
C PHE A 213 20.41 28.70 -15.06
N THR A 214 20.05 28.10 -13.92
CA THR A 214 19.92 26.64 -13.82
C THR A 214 18.70 26.30 -12.98
N ILE A 215 17.72 25.67 -13.58
CA ILE A 215 16.56 25.14 -12.83
C ILE A 215 16.87 23.69 -12.54
N LYS A 216 16.78 23.33 -11.26
CA LYS A 216 16.77 21.92 -10.80
C LYS A 216 15.39 21.59 -10.29
N ASP A 217 14.83 20.50 -10.82
CA ASP A 217 13.49 19.95 -10.53
C ASP A 217 13.61 18.52 -10.01
N THR A 218 13.26 18.30 -8.76
CA THR A 218 13.33 16.98 -8.12
C THR A 218 12.00 16.24 -8.23
N ILE A 219 12.03 15.11 -8.92
CA ILE A 219 10.83 14.26 -9.14
C ILE A 219 10.80 13.26 -8.01
N PRO A 220 9.63 13.08 -7.38
CA PRO A 220 9.51 12.11 -6.29
C PRO A 220 9.59 10.66 -6.78
N ALA A 221 9.90 9.72 -5.88
CA ALA A 221 10.00 8.27 -6.16
C ALA A 221 8.72 7.80 -6.82
N GLY A 222 7.59 8.33 -6.35
CA GLY A 222 6.27 7.82 -6.77
C GLY A 222 5.81 8.42 -8.09
N MET A 223 6.70 9.11 -8.80
CA MET A 223 6.37 9.74 -10.11
C MET A 223 7.45 9.40 -11.14
N THR A 224 7.08 9.29 -12.41
CA THR A 224 7.99 8.87 -13.51
C THR A 224 7.99 9.97 -14.56
N TYR A 225 9.16 10.56 -14.81
CA TYR A 225 9.37 11.66 -15.79
C TYR A 225 9.37 11.05 -17.19
N ASN A 226 8.72 11.74 -18.13
CA ASN A 226 8.51 11.26 -19.51
C ASN A 226 9.64 11.76 -20.43
N ASN A 227 10.72 12.35 -19.90
CA ASN A 227 11.88 12.84 -20.68
C ASN A 227 11.38 13.74 -21.81
N ASP A 228 10.44 14.63 -21.54
CA ASP A 228 9.83 15.46 -22.60
C ASP A 228 9.83 16.95 -22.21
N ALA A 229 10.68 17.37 -21.30
CA ALA A 229 10.76 18.80 -20.95
C ALA A 229 11.08 19.60 -22.21
N GLN A 230 10.39 20.73 -22.38
CA GLN A 230 10.67 21.74 -23.43
C GLN A 230 10.68 23.16 -22.82
N VAL A 231 11.47 24.05 -23.39
CA VAL A 231 11.71 25.41 -22.82
C VAL A 231 11.13 26.43 -23.79
N TYR A 232 10.30 27.32 -23.27
CA TYR A 232 9.53 28.28 -24.09
C TYR A 232 9.80 29.71 -23.63
N LEU A 233 10.01 30.61 -24.56
CA LEU A 233 10.07 32.05 -24.23
C LEU A 233 8.67 32.65 -24.34
N GLN A 234 8.21 33.38 -23.32
CA GLN A 234 6.90 34.07 -23.29
C GLN A 234 7.13 35.58 -23.30
N GLU A 235 6.71 36.27 -24.36
CA GLU A 235 6.76 37.75 -24.51
C GLU A 235 5.32 38.28 -24.56
N GLY A 236 4.76 38.61 -23.39
CA GLY A 236 3.31 38.76 -23.18
C GLY A 236 2.60 37.41 -23.27
N GLY A 237 1.74 37.26 -24.29
CA GLY A 237 0.92 36.05 -24.52
C GLY A 237 1.26 35.42 -25.86
N THR A 238 2.55 35.25 -26.15
CA THR A 238 3.06 34.58 -27.36
C THR A 238 4.29 33.75 -26.96
N GLU A 239 4.30 32.46 -27.29
CA GLU A 239 5.35 31.49 -26.86
C GLU A 239 6.24 31.08 -28.03
N LYS A 240 7.51 30.86 -27.77
CA LYS A 240 8.48 30.48 -28.82
C LYS A 240 9.37 29.36 -28.28
N ASP A 241 9.48 28.26 -29.02
CA ASP A 241 10.26 27.08 -28.56
C ASP A 241 11.75 27.47 -28.57
N ILE A 242 12.36 27.64 -27.40
CA ILE A 242 13.81 27.95 -27.24
C ILE A 242 14.54 26.72 -26.68
N SER A 243 13.89 25.54 -26.69
CA SER A 243 14.41 24.25 -26.17
C SER A 243 15.85 24.05 -26.63
N THR A 244 16.08 24.28 -27.92
CA THR A 244 17.39 24.02 -28.58
C THR A 244 18.53 24.63 -27.76
N PHE A 245 18.32 25.70 -26.98
CA PHE A 245 19.37 26.42 -26.21
C PHE A 245 19.64 25.78 -24.86
N PHE A 246 18.69 24.99 -24.36
CA PHE A 246 18.73 24.40 -23.00
C PHE A 246 18.92 22.89 -23.11
N PRO A 247 20.16 22.36 -23.16
CA PRO A 247 20.34 20.93 -22.98
C PRO A 247 19.86 20.56 -21.55
N ILE A 248 19.11 19.47 -21.49
CA ILE A 248 18.41 19.03 -20.25
C ILE A 248 18.98 17.67 -19.87
N SER A 249 19.25 17.44 -18.60
CA SER A 249 19.66 16.11 -18.09
C SER A 249 18.72 15.65 -16.97
N TYR A 250 18.62 14.34 -16.80
CA TYR A 250 17.84 13.68 -15.75
C TYR A 250 18.68 12.53 -15.20
N THR A 251 19.12 12.68 -13.96
CA THR A 251 19.89 11.70 -13.18
C THR A 251 19.38 11.89 -11.76
N GLY A 252 19.12 10.82 -11.03
CA GLY A 252 18.85 10.92 -9.58
C GLY A 252 17.49 11.52 -9.35
N ASN A 253 16.61 11.43 -10.36
CA ASN A 253 15.24 11.98 -10.25
C ASN A 253 15.32 13.51 -10.22
N VAL A 254 16.39 14.07 -10.79
CA VAL A 254 16.54 15.55 -10.82
C VAL A 254 16.61 15.96 -12.28
N ILE A 255 15.67 16.77 -12.73
CA ILE A 255 15.79 17.45 -14.04
C ILE A 255 16.68 18.69 -13.85
N THR A 256 17.74 18.82 -14.63
CA THR A 256 18.59 20.03 -14.68
C THR A 256 18.34 20.73 -16.02
N ILE A 257 17.91 21.98 -15.99
CA ILE A 257 17.70 22.75 -17.24
C ILE A 257 18.57 23.98 -17.14
N THR A 258 19.54 24.14 -18.04
CA THR A 258 20.44 25.30 -18.06
C THR A 258 20.96 25.56 -19.47
N PRO A 259 20.98 26.85 -19.90
CA PRO A 259 21.67 27.25 -21.13
C PRO A 259 23.14 27.63 -20.92
N GLY A 260 23.64 27.42 -19.70
CA GLY A 260 24.96 27.88 -19.24
C GLY A 260 24.92 29.36 -18.92
N ASP A 261 24.63 30.15 -19.94
CA ASP A 261 24.43 31.60 -19.80
C ASP A 261 23.13 31.98 -20.51
N LEU A 262 22.21 32.60 -19.81
CA LEU A 262 20.92 32.99 -20.44
C LEU A 262 21.17 34.06 -21.50
N LYS A 263 22.26 34.83 -21.39
CA LYS A 263 22.54 35.86 -22.43
C LYS A 263 22.80 35.18 -23.79
N TYR A 264 23.08 33.89 -23.82
CA TYR A 264 23.22 33.16 -25.10
C TYR A 264 21.86 33.13 -25.84
N VAL A 265 20.76 33.35 -25.13
CA VAL A 265 19.41 33.35 -25.76
C VAL A 265 19.05 34.81 -25.95
N GLN A 266 19.33 35.33 -27.15
CA GLN A 266 19.45 36.79 -27.41
C GLN A 266 18.03 37.37 -27.46
N ASP A 267 17.05 36.53 -27.79
CA ASP A 267 15.59 36.87 -27.83
C ASP A 267 15.08 37.22 -26.42
N VAL A 268 15.78 36.79 -25.36
CA VAL A 268 15.30 36.92 -23.95
C VAL A 268 15.50 38.34 -23.46
N LYS A 269 14.43 39.05 -23.11
CA LYS A 269 14.47 40.43 -22.57
C LYS A 269 14.10 40.37 -21.10
N VAL A 270 14.26 41.48 -20.41
CA VAL A 270 13.92 41.65 -18.96
C VAL A 270 12.45 41.27 -18.75
N SER A 271 11.59 41.55 -19.72
CA SER A 271 10.13 41.42 -19.58
C SER A 271 9.72 39.99 -19.95
N SER A 272 10.65 39.17 -20.41
CA SER A 272 10.37 37.76 -20.83
C SER A 272 10.08 36.88 -19.61
N LYS A 273 9.23 35.87 -19.80
CA LYS A 273 9.11 34.69 -18.90
C LYS A 273 9.72 33.46 -19.57
N ILE A 274 10.62 32.76 -18.88
CA ILE A 274 11.08 31.39 -19.30
C ILE A 274 10.12 30.33 -18.70
N VAL A 275 9.59 29.45 -19.56
CA VAL A 275 8.57 28.44 -19.15
C VAL A 275 9.04 27.05 -19.54
N ILE A 276 9.19 26.17 -18.55
CA ILE A 276 9.47 24.72 -18.75
C ILE A 276 8.17 23.92 -18.62
N ARG A 277 7.91 23.09 -19.60
CA ARG A 277 6.79 22.16 -19.59
C ARG A 277 7.30 20.76 -19.85
N TYR A 278 6.78 19.83 -19.07
CA TYR A 278 7.07 18.39 -19.21
C TYR A 278 5.85 17.64 -18.66
N THR A 279 5.82 16.34 -18.91
CA THR A 279 4.84 15.47 -18.23
C THR A 279 5.57 14.46 -17.35
N ALA A 280 4.85 14.00 -16.33
CA ALA A 280 5.24 12.84 -15.51
C ALA A 280 3.99 12.04 -15.18
N ARG A 281 4.15 10.80 -14.76
CA ARG A 281 2.95 10.04 -14.35
C ARG A 281 3.24 9.37 -13.03
N LEU A 282 2.22 9.33 -12.17
CA LEU A 282 2.26 8.49 -10.95
C LEU A 282 2.62 7.05 -11.34
N ASN A 283 3.42 6.38 -10.53
CA ASN A 283 3.78 4.96 -10.73
C ASN A 283 3.33 4.16 -9.51
N ASP A 284 3.63 2.87 -9.49
CA ASP A 284 3.21 1.92 -8.43
C ASP A 284 3.73 2.34 -7.05
N ASP A 285 4.86 3.05 -6.99
CA ASP A 285 5.43 3.54 -5.69
C ASP A 285 4.75 4.83 -5.18
N ALA A 286 3.65 5.26 -5.76
CA ALA A 286 2.94 6.50 -5.41
C ALA A 286 2.52 6.49 -3.95
N VAL A 287 2.66 7.60 -3.26
CA VAL A 287 2.11 7.81 -1.90
C VAL A 287 0.60 8.02 -2.01
N MET A 288 -0.14 7.45 -1.10
CA MET A 288 -1.62 7.52 -1.09
C MET A 288 -2.02 8.58 -0.07
N GLY A 289 -2.87 9.53 -0.46
CA GLY A 289 -3.31 10.57 0.48
C GLY A 289 -2.10 11.27 1.08
N GLY A 290 -2.26 11.72 2.33
CA GLY A 290 -1.19 12.22 3.20
C GLY A 290 -0.51 13.42 2.62
N LEU A 291 0.82 13.40 2.56
CA LEU A 291 1.69 14.48 2.05
C LEU A 291 1.82 14.38 0.53
N GLY A 292 1.24 13.36 -0.10
CA GLY A 292 1.23 13.27 -1.57
C GLY A 292 2.58 13.04 -2.20
N ASN A 293 2.76 13.38 -3.46
CA ASN A 293 3.96 13.07 -4.27
C ASN A 293 4.50 14.39 -4.80
N PRO A 294 5.23 15.18 -4.00
CA PRO A 294 5.64 16.51 -4.44
C PRO A 294 6.90 16.49 -5.30
N ASN A 295 6.92 17.41 -6.25
CA ASN A 295 8.16 17.81 -6.94
C ASN A 295 8.56 19.21 -6.48
N ILE A 296 9.85 19.42 -6.37
CA ILE A 296 10.42 20.67 -5.83
C ILE A 296 11.44 21.18 -6.84
N ALA A 297 11.30 22.45 -7.21
CA ALA A 297 12.17 23.14 -8.17
C ALA A 297 12.74 24.38 -7.50
N ARG A 298 14.00 24.72 -7.80
CA ARG A 298 14.60 26.03 -7.41
C ARG A 298 15.45 26.50 -8.60
N LEU A 299 15.67 27.81 -8.73
CA LEU A 299 16.49 28.41 -9.82
C LEU A 299 17.80 28.90 -9.21
N THR A 300 18.94 28.49 -9.77
CA THR A 300 20.23 29.12 -9.48
C THR A 300 20.50 30.25 -10.47
N TYR A 301 20.77 31.45 -9.96
CA TYR A 301 20.89 32.67 -10.77
C TYR A 301 22.05 33.54 -10.31
N SER A 302 22.71 34.22 -11.26
CA SER A 302 23.70 35.30 -10.99
C SER A 302 23.06 36.36 -10.09
N ASN A 303 23.65 36.61 -8.91
CA ASN A 303 23.02 37.51 -7.90
C ASN A 303 23.81 38.81 -7.72
N ASP A 304 24.81 39.10 -8.58
CA ASP A 304 25.62 40.35 -8.38
C ASP A 304 25.92 41.00 -9.73
N PRO A 305 25.26 42.13 -10.06
CA PRO A 305 25.53 42.80 -11.33
C PRO A 305 26.87 43.58 -11.44
N ASN A 306 27.66 43.63 -10.37
CA ASN A 306 28.82 44.55 -10.23
C ASN A 306 30.06 43.88 -10.81
N GLY A 307 30.39 44.20 -12.07
CA GLY A 307 31.66 43.84 -12.74
C GLY A 307 31.81 42.34 -13.00
N PHE A 308 33.07 41.87 -13.08
CA PHE A 308 33.44 40.45 -13.33
C PHE A 308 33.26 39.69 -12.03
N THR A 309 32.14 38.98 -11.90
CA THR A 309 31.81 38.18 -10.69
C THR A 309 31.17 36.89 -11.18
N SER A 310 31.36 35.80 -10.46
CA SER A 310 30.60 34.56 -10.75
C SER A 310 29.90 34.03 -9.48
N THR A 311 29.27 34.89 -8.67
CA THR A 311 28.46 34.45 -7.50
C THR A 311 27.02 34.16 -7.95
N THR A 312 26.37 33.27 -7.21
CA THR A 312 24.96 32.88 -7.43
C THR A 312 24.17 32.74 -6.11
N ALA A 313 22.87 32.87 -6.24
CA ALA A 313 21.90 32.54 -5.21
C ALA A 313 20.93 31.51 -5.79
N GLU A 314 20.21 30.84 -4.93
CA GLU A 314 19.13 29.93 -5.37
C GLU A 314 17.84 30.62 -4.92
N THR A 315 16.79 30.52 -5.72
CA THR A 315 15.44 30.96 -5.31
C THR A 315 14.96 30.06 -4.19
N PRO A 316 13.94 30.49 -3.40
CA PRO A 316 13.26 29.60 -2.46
C PRO A 316 12.71 28.40 -3.26
N ASP A 317 12.68 27.21 -2.68
CA ASP A 317 12.00 26.03 -3.27
C ASP A 317 10.60 26.45 -3.75
N THR A 318 10.19 26.03 -4.93
CA THR A 318 8.79 26.03 -5.37
C THR A 318 8.35 24.56 -5.59
N LYS A 319 7.14 24.24 -5.16
CA LYS A 319 6.61 22.86 -5.01
C LYS A 319 5.28 22.75 -5.78
N ALA A 320 5.06 21.66 -6.53
CA ALA A 320 3.71 21.17 -6.91
C ALA A 320 3.45 19.81 -6.28
N ASN A 321 2.21 19.35 -6.36
CA ASN A 321 1.79 18.14 -5.65
C ASN A 321 0.69 17.43 -6.44
N VAL A 322 0.78 16.11 -6.50
CA VAL A 322 -0.27 15.24 -7.04
C VAL A 322 -0.58 14.19 -5.98
N TYR A 323 -1.82 14.14 -5.53
CA TYR A 323 -2.31 13.13 -4.57
C TYR A 323 -3.01 12.03 -5.35
N THR A 324 -3.08 10.85 -4.75
CA THR A 324 -3.93 9.73 -5.27
C THR A 324 -4.43 8.96 -4.06
N TYR A 325 -5.48 8.14 -4.22
CA TYR A 325 -6.20 7.47 -3.11
C TYR A 325 -6.25 5.98 -3.43
N GLN A 326 -6.62 5.22 -2.42
CA GLN A 326 -6.74 3.76 -2.52
C GLN A 326 -8.12 3.31 -2.02
N LEU A 327 -8.88 2.59 -2.85
CA LEU A 327 -10.09 1.88 -2.36
C LEU A 327 -9.72 0.48 -1.89
N LYS A 328 -10.06 0.15 -0.65
CA LYS A 328 -9.90 -1.19 -0.05
C LYS A 328 -11.29 -1.80 0.14
N VAL A 329 -11.59 -2.85 -0.60
CA VAL A 329 -12.88 -3.60 -0.50
C VAL A 329 -12.64 -4.90 0.29
N ASN A 330 -13.31 -5.04 1.42
CA ASN A 330 -13.27 -6.27 2.24
C ASN A 330 -14.51 -7.11 1.91
N LYS A 331 -14.31 -8.32 1.42
CA LYS A 331 -15.42 -9.27 1.12
C LYS A 331 -15.68 -10.14 2.36
N VAL A 332 -16.85 -10.04 2.97
CA VAL A 332 -17.19 -10.80 4.19
C VAL A 332 -18.60 -11.39 4.06
N LYS A 333 -18.96 -12.20 5.04
CA LYS A 333 -20.32 -12.77 5.20
C LYS A 333 -20.90 -12.23 6.51
N GLU A 334 -22.14 -12.57 6.84
CA GLU A 334 -22.95 -11.79 7.81
C GLU A 334 -22.28 -11.86 9.17
N ASN A 335 -21.51 -12.91 9.45
CA ASN A 335 -20.77 -13.06 10.72
C ASN A 335 -19.44 -12.29 10.68
N GLN A 336 -19.21 -11.50 9.62
CA GLN A 336 -18.04 -10.58 9.47
C GLN A 336 -16.73 -11.36 9.27
N GLN A 337 -16.74 -12.68 9.11
CA GLN A 337 -15.54 -13.46 8.71
C GLN A 337 -15.36 -13.27 7.20
N ALA A 338 -14.13 -13.43 6.74
CA ALA A 338 -13.73 -13.22 5.35
C ALA A 338 -14.51 -14.23 4.49
N LEU A 339 -14.91 -13.85 3.26
CA LEU A 339 -15.46 -14.78 2.26
C LEU A 339 -14.52 -14.81 1.07
N ALA A 340 -13.92 -15.96 0.79
CA ALA A 340 -13.10 -16.20 -0.43
C ALA A 340 -13.99 -16.25 -1.66
N GLY A 341 -13.38 -16.03 -2.83
CA GLY A 341 -13.95 -16.45 -4.12
C GLY A 341 -14.70 -15.35 -4.81
N ALA A 342 -14.68 -14.14 -4.29
CA ALA A 342 -15.28 -12.96 -4.93
C ALA A 342 -14.25 -12.33 -5.90
N GLY A 343 -14.75 -11.68 -6.94
CA GLY A 343 -13.96 -10.83 -7.83
C GLY A 343 -14.69 -9.53 -8.04
N PHE A 344 -13.96 -8.45 -8.29
CA PHE A 344 -14.53 -7.09 -8.40
C PHE A 344 -13.90 -6.38 -9.59
N THR A 345 -14.73 -5.61 -10.29
CA THR A 345 -14.35 -4.70 -11.39
C THR A 345 -14.74 -3.28 -10.97
N LEU A 346 -13.81 -2.36 -11.14
CA LEU A 346 -14.01 -0.93 -10.83
C LEU A 346 -13.96 -0.17 -12.13
N TYR A 347 -14.94 0.69 -12.30
CA TYR A 347 -15.08 1.52 -13.52
C TYR A 347 -15.01 2.96 -13.05
N LYS A 348 -14.44 3.82 -13.90
CA LYS A 348 -14.52 5.27 -13.67
C LYS A 348 -15.39 5.87 -14.77
N LYS A 349 -16.25 6.83 -14.40
CA LYS A 349 -16.98 7.67 -15.39
C LYS A 349 -15.98 8.68 -15.97
N VAL A 350 -15.62 8.49 -17.24
CA VAL A 350 -14.59 9.34 -17.91
C VAL A 350 -15.31 10.44 -18.71
N ASN A 351 -16.25 10.07 -19.57
CA ASN A 351 -16.96 11.04 -20.44
C ASN A 351 -18.44 10.66 -20.44
N ASN A 352 -19.07 10.65 -19.27
CA ASN A 352 -20.40 10.00 -19.06
C ASN A 352 -20.35 8.58 -19.66
N GLN A 353 -19.25 7.87 -19.42
CA GLN A 353 -18.91 6.57 -20.06
C GLN A 353 -18.03 5.75 -19.09
N TYR A 354 -18.68 4.97 -18.22
CA TYR A 354 -18.04 4.03 -17.27
C TYR A 354 -17.03 3.15 -18.00
N THR A 355 -15.75 3.36 -17.73
CA THR A 355 -14.62 2.63 -18.36
C THR A 355 -13.90 1.82 -17.27
N GLU A 356 -13.55 0.59 -17.61
CA GLU A 356 -12.90 -0.41 -16.71
C GLU A 356 -11.48 0.06 -16.45
N ILE A 357 -11.13 0.22 -15.16
CA ILE A 357 -9.76 0.63 -14.77
C ILE A 357 -9.06 -0.51 -14.04
N LYS A 358 -9.77 -1.45 -13.44
CA LYS A 358 -9.12 -2.52 -12.64
C LYS A 358 -10.08 -3.68 -12.43
N LYS A 359 -9.58 -4.87 -12.63
CA LYS A 359 -10.36 -6.10 -12.39
C LYS A 359 -9.52 -7.06 -11.55
N PHE A 360 -10.11 -7.67 -10.53
CA PHE A 360 -9.54 -8.79 -9.75
C PHE A 360 -10.38 -10.04 -10.03
N GLU A 361 -9.64 -11.12 -10.32
CA GLU A 361 -10.18 -12.49 -10.52
C GLU A 361 -10.41 -13.09 -9.12
N ALA A 362 -11.17 -14.18 -9.06
CA ALA A 362 -11.54 -14.81 -7.77
C ALA A 362 -10.58 -15.96 -7.45
N ASP A 363 -10.43 -16.36 -6.17
N ASP A 363 -10.30 -16.12 -6.15
CA ASP A 363 -9.42 -17.29 -5.54
CA ASP A 363 -9.23 -16.94 -5.51
C ASP A 363 -9.57 -17.07 -4.00
C ASP A 363 -9.54 -16.95 -3.99
N SER A 364 -8.51 -17.02 -3.16
CA SER A 364 -8.70 -17.15 -1.67
C SER A 364 -8.76 -15.78 -1.01
N ASN A 365 -8.42 -14.76 -1.80
CA ASN A 365 -8.32 -13.37 -1.31
C ASN A 365 -9.72 -12.81 -1.05
N SER A 366 -9.83 -12.05 0.03
CA SER A 366 -11.06 -11.37 0.50
C SER A 366 -10.85 -9.84 0.55
N THR A 367 -9.64 -9.35 0.29
CA THR A 367 -9.34 -7.90 0.34
C THR A 367 -8.93 -7.42 -1.06
N PHE A 368 -9.62 -6.42 -1.60
CA PHE A 368 -9.35 -5.90 -2.95
C PHE A 368 -8.82 -4.47 -2.79
N ASP A 369 -7.54 -4.24 -3.06
CA ASP A 369 -6.89 -2.92 -2.86
C ASP A 369 -6.82 -2.24 -4.23
N PHE A 370 -7.69 -1.28 -4.52
CA PHE A 370 -7.67 -0.52 -5.79
C PHE A 370 -6.77 0.69 -5.56
N LYS A 371 -5.52 0.59 -5.99
CA LYS A 371 -4.51 1.64 -5.74
C LYS A 371 -4.59 2.66 -6.84
N GLY A 372 -4.52 3.95 -6.52
CA GLY A 372 -4.21 4.99 -7.52
C GLY A 372 -5.47 5.55 -8.11
N LEU A 373 -6.43 5.83 -7.26
CA LEU A 373 -7.68 6.48 -7.71
C LEU A 373 -7.62 7.97 -7.39
N ASP A 374 -8.32 8.75 -8.20
CA ASP A 374 -8.49 10.20 -8.00
C ASP A 374 -9.96 10.53 -7.72
N SER A 375 -10.23 11.81 -7.53
CA SER A 375 -11.59 12.34 -7.38
C SER A 375 -12.35 11.98 -8.65
N GLY A 376 -13.60 11.58 -8.50
CA GLY A 376 -14.46 11.26 -9.65
C GLY A 376 -15.58 10.31 -9.26
N ASP A 377 -16.32 9.87 -10.28
CA ASP A 377 -17.49 8.99 -10.18
C ASP A 377 -17.07 7.60 -10.63
N TYR A 378 -17.32 6.64 -9.76
CA TYR A 378 -16.90 5.23 -9.94
C TYR A 378 -18.10 4.30 -9.80
N LYS A 379 -17.97 3.14 -10.42
CA LYS A 379 -18.92 2.01 -10.21
C LYS A 379 -18.12 0.76 -9.86
N LEU A 380 -18.43 0.17 -8.71
CA LEU A 380 -17.87 -1.12 -8.27
C LEU A 380 -18.88 -2.23 -8.60
N VAL A 381 -18.45 -3.17 -9.44
CA VAL A 381 -19.28 -4.33 -9.88
C VAL A 381 -18.65 -5.58 -9.32
N GLU A 382 -19.43 -6.45 -8.66
CA GLU A 382 -18.96 -7.76 -8.15
C GLU A 382 -19.01 -8.72 -9.35
N SER A 383 -18.00 -8.69 -10.18
CA SER A 383 -17.93 -9.43 -11.46
C SER A 383 -17.77 -10.94 -11.21
N THR A 384 -17.51 -11.37 -9.99
CA THR A 384 -17.55 -12.81 -9.67
C THR A 384 -18.18 -13.00 -8.31
N VAL A 385 -19.20 -13.85 -8.26
CA VAL A 385 -19.99 -14.01 -7.01
C VAL A 385 -19.60 -15.33 -6.35
N PRO A 386 -19.26 -15.35 -5.06
CA PRO A 386 -18.96 -16.61 -4.38
C PRO A 386 -20.17 -17.55 -4.44
N SER A 387 -19.89 -18.80 -4.72
CA SER A 387 -20.89 -19.88 -4.86
C SER A 387 -21.80 -19.88 -3.61
N GLY A 388 -23.12 -19.78 -3.79
CA GLY A 388 -24.12 -19.88 -2.70
C GLY A 388 -24.42 -18.56 -2.04
N TYR A 389 -23.91 -17.47 -2.58
CA TYR A 389 -24.18 -16.10 -2.09
C TYR A 389 -24.87 -15.35 -3.22
N ASN A 390 -25.69 -14.40 -2.83
CA ASN A 390 -26.38 -13.45 -3.73
C ASN A 390 -25.36 -12.44 -4.22
N ALA A 391 -25.40 -12.14 -5.52
CA ALA A 391 -24.68 -11.00 -6.11
C ALA A 391 -24.98 -9.71 -5.30
N MET A 392 -23.92 -9.03 -4.85
CA MET A 392 -23.91 -7.60 -4.50
C MET A 392 -24.57 -6.84 -5.65
N LYS A 393 -25.41 -5.86 -5.35
CA LYS A 393 -25.91 -5.00 -6.44
C LYS A 393 -24.81 -3.96 -6.69
N ASP A 394 -24.58 -3.55 -7.93
CA ASP A 394 -23.57 -2.53 -8.32
C ASP A 394 -23.62 -1.27 -7.44
N ILE A 395 -22.44 -0.71 -7.15
CA ILE A 395 -22.31 0.51 -6.30
C ILE A 395 -21.71 1.62 -7.16
N GLU A 396 -22.50 2.62 -7.46
CA GLU A 396 -22.03 3.90 -8.04
C GLU A 396 -21.60 4.76 -6.87
N PHE A 397 -20.39 5.32 -6.90
CA PHE A 397 -19.91 6.11 -5.74
C PHE A 397 -19.03 7.27 -6.23
N THR A 398 -18.89 8.25 -5.35
CA THR A 398 -18.06 9.45 -5.67
C THR A 398 -16.93 9.62 -4.65
N ILE A 399 -15.70 9.70 -5.17
CA ILE A 399 -14.47 10.06 -4.42
C ILE A 399 -14.19 11.55 -4.65
N SER A 400 -13.98 12.26 -3.55
CA SER A 400 -13.72 13.71 -3.56
C SER A 400 -12.59 14.04 -2.59
N GLY A 401 -11.40 14.31 -3.14
CA GLY A 401 -10.27 14.85 -2.38
C GLY A 401 -10.38 16.36 -2.32
N THR A 402 -10.43 16.96 -1.12
CA THR A 402 -10.35 18.43 -0.94
C THR A 402 -8.87 18.85 -0.90
N ILE A 403 -8.43 19.57 -1.93
CA ILE A 403 -7.06 20.18 -2.02
C ILE A 403 -7.20 21.71 -2.05
N ASP A 404 -6.83 22.38 -0.95
CA ASP A 404 -6.92 23.87 -0.82
C ASP A 404 -5.85 24.57 -1.67
N SER A 405 -5.84 25.92 -1.59
CA SER A 405 -5.04 26.81 -2.47
C SER A 405 -3.54 26.60 -2.26
N THR A 406 -3.09 26.43 -1.00
CA THR A 406 -1.72 25.98 -0.59
C THR A 406 -1.32 24.71 -1.35
N GLY A 407 -2.23 23.73 -1.44
CA GLY A 407 -1.91 22.42 -2.03
C GLY A 407 -1.93 21.30 -1.00
N ASP A 408 -2.57 21.51 0.17
CA ASP A 408 -2.78 20.52 1.27
C ASP A 408 -4.00 19.64 0.94
N LEU A 409 -3.82 18.33 1.00
CA LEU A 409 -5.00 17.43 0.99
C LEU A 409 -5.57 17.48 2.40
N THR A 410 -6.71 18.12 2.57
CA THR A 410 -7.32 18.42 3.90
C THR A 410 -8.46 17.45 4.21
N ASN A 411 -9.09 16.90 3.17
CA ASN A 411 -10.30 16.05 3.30
C ASN A 411 -10.32 15.03 2.19
N LEU A 412 -10.89 13.87 2.46
CA LEU A 412 -11.13 12.82 1.46
C LEU A 412 -12.43 12.11 1.83
N THR A 413 -13.39 12.10 0.91
CA THR A 413 -14.73 11.54 1.14
C THR A 413 -15.10 10.58 0.02
N ALA A 414 -15.90 9.58 0.37
CA ALA A 414 -16.52 8.66 -0.60
C ALA A 414 -17.99 8.50 -0.19
N THR A 415 -18.89 8.72 -1.13
CA THR A 415 -20.34 8.72 -0.87
C THR A 415 -21.02 7.88 -1.95
N SER A 416 -22.11 7.24 -1.57
CA SER A 416 -22.99 6.44 -2.46
C SER A 416 -24.39 6.41 -1.85
N ALA A 417 -25.41 6.45 -2.70
CA ALA A 417 -26.82 6.21 -2.32
C ALA A 417 -26.93 4.79 -1.75
N THR A 418 -26.17 3.84 -2.28
CA THR A 418 -26.31 2.37 -2.06
C THR A 418 -25.41 1.85 -0.93
N ALA A 419 -24.40 2.59 -0.46
CA ALA A 419 -23.30 2.00 0.36
C ALA A 419 -22.68 3.05 1.28
N SER A 420 -21.87 2.60 2.24
CA SER A 420 -21.14 3.48 3.19
C SER A 420 -19.66 3.14 3.13
N PHE A 421 -18.81 4.17 3.13
CA PHE A 421 -17.34 4.00 3.10
C PHE A 421 -16.75 4.55 4.39
N GLU A 422 -15.60 4.02 4.79
CA GLU A 422 -14.64 4.68 5.70
C GLU A 422 -13.60 5.39 4.83
N THR A 423 -13.10 6.52 5.28
CA THR A 423 -11.93 7.18 4.65
C THR A 423 -11.00 7.70 5.74
N ASP A 424 -9.71 7.66 5.40
CA ASP A 424 -8.62 8.33 6.15
C ASP A 424 -7.78 9.15 5.18
N VAL A 425 -7.78 10.47 5.38
CA VAL A 425 -7.05 11.41 4.49
C VAL A 425 -5.54 11.16 4.60
N ASN A 426 -5.05 10.82 5.79
CA ASN A 426 -3.61 10.54 6.05
C ASN A 426 -3.06 9.34 5.25
N THR A 427 -3.81 8.25 5.15
CA THR A 427 -3.36 7.03 4.48
C THR A 427 -3.84 7.07 3.04
N GLY A 428 -4.78 7.97 2.74
CA GLY A 428 -5.49 8.03 1.44
C GLY A 428 -6.38 6.80 1.20
N ILE A 429 -6.71 6.04 2.25
CA ILE A 429 -7.45 4.74 2.10
C ILE A 429 -8.94 4.94 2.33
N ILE A 430 -9.74 4.54 1.36
CA ILE A 430 -11.22 4.44 1.38
C ILE A 430 -11.59 2.98 1.55
N THR A 431 -12.27 2.62 2.64
CA THR A 431 -12.67 1.23 2.93
C THR A 431 -14.15 1.01 2.58
N LEU A 432 -14.44 -0.06 1.84
CA LEU A 432 -15.81 -0.58 1.66
C LEU A 432 -15.82 -2.03 2.15
N LYS A 433 -16.64 -2.28 3.15
CA LYS A 433 -16.95 -3.66 3.61
C LYS A 433 -18.19 -4.20 2.89
N VAL A 434 -18.09 -5.30 2.17
CA VAL A 434 -19.18 -5.86 1.35
C VAL A 434 -19.63 -7.14 2.03
N VAL A 435 -20.86 -7.11 2.54
CA VAL A 435 -21.41 -8.23 3.33
C VAL A 435 -22.21 -9.13 2.39
N ASN A 436 -21.76 -10.36 2.20
CA ASN A 436 -22.44 -11.35 1.32
C ASN A 436 -23.51 -12.09 2.13
N LYS A 437 -24.71 -12.13 1.58
CA LYS A 437 -25.86 -12.94 2.07
C LYS A 437 -25.95 -14.24 1.30
N GLN A 438 -26.10 -15.37 2.01
CA GLN A 438 -26.34 -16.72 1.46
C GLN A 438 -27.61 -16.79 0.63
N GLY A 439 -27.60 -17.60 -0.41
CA GLY A 439 -28.83 -17.92 -1.15
C GLY A 439 -29.80 -18.71 -0.29
N ALA A 440 -30.93 -19.11 -0.88
CA ALA A 440 -31.98 -19.90 -0.20
C ALA A 440 -31.75 -21.38 -0.54
N LEU A 441 -31.75 -22.20 0.51
CA LEU A 441 -31.77 -23.66 0.37
C LEU A 441 -33.23 -24.10 0.52
N LEU A 442 -33.90 -24.20 -0.64
CA LEU A 442 -35.37 -24.25 -0.69
C LEU A 442 -35.83 -25.68 -0.42
N PRO A 443 -36.88 -25.84 0.41
CA PRO A 443 -37.50 -27.15 0.62
C PRO A 443 -38.27 -27.71 -0.59
N ASN A 444 -38.30 -29.02 -0.70
CA ASN A 444 -38.97 -29.75 -1.80
C ASN A 444 -40.07 -30.64 -1.21
N THR A 445 -41.33 -30.39 -1.59
CA THR A 445 -42.48 -31.19 -1.14
C THR A 445 -42.17 -32.66 -1.46
N THR B 27 -42.95 -53.70 19.64
CA THR B 27 -42.02 -52.94 18.70
C THR B 27 -40.72 -52.52 19.41
N TYR B 28 -39.66 -52.25 18.65
CA TYR B 28 -38.27 -52.12 19.17
C TYR B 28 -37.62 -50.84 18.67
N THR B 29 -36.54 -50.44 19.33
CA THR B 29 -35.89 -49.12 19.12
C THR B 29 -34.37 -49.29 19.02
N ILE B 30 -33.86 -49.11 17.81
CA ILE B 30 -32.40 -49.06 17.51
C ILE B 30 -31.91 -47.63 17.78
N GLN B 31 -30.87 -47.55 18.60
CA GLN B 31 -30.10 -46.30 18.83
C GLN B 31 -28.86 -46.40 17.93
N LEU B 32 -28.72 -45.44 17.01
CA LEU B 32 -27.62 -45.45 16.03
C LEU B 32 -26.59 -44.41 16.46
N SER B 33 -25.53 -44.84 17.13
CA SER B 33 -24.58 -43.92 17.81
C SER B 33 -23.51 -43.47 16.83
N GLY B 34 -22.87 -42.34 17.16
CA GLY B 34 -21.77 -41.72 16.40
C GLY B 34 -22.27 -41.07 15.12
N THR B 35 -23.56 -40.69 15.07
CA THR B 35 -24.12 -39.95 13.91
C THR B 35 -23.85 -38.43 14.06
N SER B 36 -24.04 -37.71 12.97
CA SER B 36 -24.05 -36.24 12.90
C SER B 36 -25.42 -35.83 12.37
N GLU B 37 -25.70 -34.52 12.35
CA GLU B 37 -26.88 -33.97 11.64
C GLU B 37 -26.55 -34.09 10.17
N GLY B 38 -27.56 -34.00 9.30
CA GLY B 38 -27.38 -33.93 7.84
C GLY B 38 -27.93 -35.13 7.08
N HIS B 39 -28.10 -36.27 7.75
CA HIS B 39 -28.37 -37.56 7.07
C HIS B 39 -29.85 -37.89 7.18
N TYR B 40 -30.38 -38.51 6.15
CA TYR B 40 -31.65 -39.25 6.19
C TYR B 40 -31.36 -40.74 6.12
N TYR B 41 -31.43 -41.44 7.25
CA TYR B 41 -31.14 -42.87 7.39
C TYR B 41 -32.39 -43.67 7.10
N GLU B 42 -32.28 -44.63 6.20
CA GLU B 42 -33.40 -45.46 5.75
C GLU B 42 -33.28 -46.85 6.37
N VAL B 43 -34.40 -47.39 6.85
CA VAL B 43 -34.46 -48.72 7.53
C VAL B 43 -35.39 -49.65 6.80
N TYR B 44 -34.82 -50.65 6.16
CA TYR B 44 -35.57 -51.59 5.29
C TYR B 44 -35.86 -52.86 6.09
N HIS B 45 -37.13 -53.23 6.17
CA HIS B 45 -37.57 -54.48 6.83
C HIS B 45 -37.30 -55.63 5.86
N ILE B 46 -36.31 -56.46 6.17
CA ILE B 46 -35.84 -57.56 5.29
C ILE B 46 -36.56 -58.84 5.70
N PHE B 47 -36.51 -59.21 6.98
CA PHE B 47 -37.23 -60.40 7.51
C PHE B 47 -38.22 -59.95 8.59
N SER B 48 -39.46 -60.47 8.52
CA SER B 48 -40.45 -60.47 9.62
C SER B 48 -40.27 -61.78 10.40
N GLY B 49 -40.62 -61.75 11.67
CA GLY B 49 -40.54 -62.95 12.53
C GLY B 49 -41.02 -62.65 13.93
N THR B 50 -41.02 -63.68 14.78
CA THR B 50 -41.34 -63.56 16.22
C THR B 50 -40.01 -63.72 16.96
N LEU B 51 -39.76 -62.79 17.86
CA LEU B 51 -38.56 -62.76 18.71
C LEU B 51 -39.01 -63.33 20.07
N ASP B 52 -38.52 -64.51 20.42
CA ASP B 52 -39.13 -65.34 21.49
C ASP B 52 -38.38 -65.01 22.79
N THR B 53 -38.80 -65.67 23.87
CA THR B 53 -38.16 -65.62 25.21
C THR B 53 -36.66 -65.96 25.03
N SER B 54 -36.30 -66.70 23.96
CA SER B 54 -34.92 -67.15 23.62
C SER B 54 -34.08 -66.08 22.90
N ASN B 55 -34.67 -65.07 22.24
CA ASN B 55 -33.93 -64.02 21.47
C ASN B 55 -33.39 -64.58 20.13
N THR B 56 -33.83 -65.78 19.72
CA THR B 56 -33.64 -66.22 18.32
C THR B 56 -34.83 -65.63 17.56
N LEU B 57 -34.72 -65.52 16.25
CA LEU B 57 -35.85 -65.08 15.42
C LEU B 57 -36.49 -66.28 14.73
N THR B 58 -37.80 -66.39 14.83
CA THR B 58 -38.54 -67.60 14.37
C THR B 58 -39.66 -67.19 13.42
N ASN B 59 -40.10 -68.12 12.58
CA ASN B 59 -41.27 -67.92 11.68
C ASN B 59 -40.87 -66.77 10.75
N ILE B 60 -39.73 -66.96 10.08
CA ILE B 60 -39.06 -65.93 9.24
C ILE B 60 -39.67 -65.95 7.83
N GLU B 61 -40.12 -64.75 7.43
CA GLU B 61 -40.57 -64.46 6.06
C GLU B 61 -39.87 -63.18 5.59
N TRP B 62 -39.76 -63.03 4.27
CA TRP B 62 -39.41 -61.77 3.58
C TRP B 62 -40.43 -60.70 3.95
N ALA B 63 -39.94 -59.52 4.30
CA ALA B 63 -40.76 -58.36 4.70
C ALA B 63 -40.83 -57.38 3.54
N PRO B 64 -41.72 -56.37 3.63
CA PRO B 64 -42.07 -55.55 2.47
C PRO B 64 -40.87 -54.78 1.90
N GLY B 65 -39.78 -54.67 2.67
CA GLY B 65 -38.58 -53.95 2.26
C GLY B 65 -37.78 -54.71 1.22
N VAL B 66 -38.17 -55.91 0.82
CA VAL B 66 -37.48 -56.61 -0.29
C VAL B 66 -38.49 -56.84 -1.40
N THR B 67 -38.05 -56.69 -2.64
CA THR B 67 -38.90 -56.88 -3.85
C THR B 67 -39.09 -58.35 -4.10
N GLU B 68 -40.06 -58.67 -4.96
CA GLU B 68 -40.38 -60.06 -5.38
C GLU B 68 -39.17 -60.65 -6.13
N ALA B 69 -38.48 -59.83 -6.91
CA ALA B 69 -37.28 -60.21 -7.68
C ALA B 69 -36.23 -60.69 -6.70
N GLY B 70 -35.99 -59.92 -5.64
CA GLY B 70 -35.03 -60.24 -4.56
C GLY B 70 -35.44 -61.52 -3.84
N ARG B 71 -36.69 -61.63 -3.45
CA ARG B 71 -37.22 -62.86 -2.80
C ARG B 71 -36.89 -64.06 -3.68
N THR B 72 -37.18 -63.95 -4.98
CA THR B 72 -36.98 -65.04 -5.97
C THR B 72 -35.47 -65.31 -6.09
N HIS B 73 -34.68 -64.26 -6.17
CA HIS B 73 -33.20 -64.37 -6.26
C HIS B 73 -32.64 -65.11 -5.04
N PHE B 74 -32.97 -64.69 -3.83
CA PHE B 74 -32.35 -65.22 -2.58
C PHE B 74 -32.99 -66.55 -2.17
N GLY B 75 -34.18 -66.91 -2.65
CA GLY B 75 -34.87 -68.15 -2.22
C GLY B 75 -35.50 -68.00 -0.84
N ASN B 76 -35.75 -69.11 -0.14
CA ASN B 76 -36.61 -69.14 1.06
C ASN B 76 -35.97 -68.28 2.16
N ALA B 77 -36.79 -67.47 2.82
CA ALA B 77 -36.39 -66.43 3.81
C ALA B 77 -35.82 -67.11 5.02
N SER B 78 -36.52 -68.12 5.53
CA SER B 78 -36.15 -68.83 6.78
C SER B 78 -34.85 -69.61 6.56
N ASP B 79 -34.67 -70.16 5.35
CA ASP B 79 -33.45 -70.92 4.94
C ASP B 79 -32.28 -69.94 4.86
N LYS B 80 -32.52 -68.72 4.40
CA LYS B 80 -31.42 -67.71 4.29
C LYS B 80 -30.98 -67.32 5.70
N ALA B 81 -31.94 -66.98 6.57
CA ALA B 81 -31.70 -66.72 8.02
C ALA B 81 -30.94 -67.90 8.64
N ALA B 82 -31.32 -69.13 8.32
CA ALA B 82 -30.68 -70.32 8.91
C ALA B 82 -29.18 -70.31 8.57
N SER B 83 -28.80 -70.08 7.29
CA SER B 83 -27.38 -70.08 6.83
C SER B 83 -26.57 -68.95 7.51
N LEU B 84 -27.26 -67.97 8.10
CA LEU B 84 -26.61 -66.78 8.72
C LEU B 84 -26.58 -66.94 10.23
N SER B 85 -27.27 -67.93 10.76
CA SER B 85 -27.48 -68.07 12.22
C SER B 85 -26.14 -68.37 12.89
N GLY B 86 -25.85 -67.66 13.98
CA GLY B 86 -24.60 -67.76 14.76
C GLY B 86 -23.35 -67.36 14.00
N LYS B 87 -23.43 -66.83 12.77
CA LYS B 87 -22.26 -66.24 12.07
C LYS B 87 -21.88 -64.96 12.79
N GLN B 88 -20.59 -64.59 12.69
CA GLN B 88 -20.04 -63.38 13.36
C GLN B 88 -20.68 -62.11 12.82
N ASN B 89 -20.64 -61.07 13.62
CA ASN B 89 -21.27 -59.77 13.30
C ASN B 89 -20.59 -59.10 12.09
N ASP B 90 -19.30 -59.31 11.91
CA ASP B 90 -18.55 -58.69 10.78
C ASP B 90 -18.27 -59.81 9.76
N SER B 91 -19.01 -60.91 9.82
CA SER B 91 -18.66 -62.10 9.02
C SER B 91 -18.79 -61.70 7.54
N ALA B 92 -18.11 -62.40 6.65
CA ALA B 92 -18.17 -62.16 5.20
C ALA B 92 -19.59 -62.45 4.71
N GLU B 93 -20.27 -63.42 5.34
CA GLU B 93 -21.63 -63.85 4.97
C GLU B 93 -22.59 -62.68 5.17
N VAL B 94 -22.55 -62.06 6.34
CA VAL B 94 -23.49 -60.92 6.60
C VAL B 94 -23.18 -59.74 5.67
N LYS B 95 -21.90 -59.49 5.34
CA LYS B 95 -21.51 -58.34 4.50
C LYS B 95 -21.98 -58.59 3.08
N ALA B 96 -21.87 -59.82 2.59
CA ALA B 96 -22.27 -60.13 1.20
C ALA B 96 -23.78 -59.94 1.09
N PHE B 97 -24.52 -60.46 2.07
CA PHE B 97 -26.01 -60.32 2.09
C PHE B 97 -26.36 -58.82 2.06
N ALA B 98 -25.83 -58.01 2.97
CA ALA B 98 -26.15 -56.56 3.00
C ALA B 98 -25.88 -55.90 1.64
N GLN B 99 -24.74 -56.18 1.01
CA GLN B 99 -24.34 -55.57 -0.29
C GLN B 99 -25.27 -56.06 -1.37
N GLU B 100 -25.55 -57.35 -1.43
CA GLU B 100 -26.33 -57.99 -2.52
C GLU B 100 -27.81 -57.65 -2.36
N LEU B 101 -28.25 -57.33 -1.15
CA LEU B 101 -29.66 -56.93 -0.88
C LEU B 101 -29.98 -55.64 -1.60
N ASN B 102 -29.04 -54.69 -1.56
CA ASN B 102 -29.26 -53.25 -1.88
C ASN B 102 -29.99 -53.12 -3.21
N GLN B 103 -29.63 -53.94 -4.19
CA GLN B 103 -30.25 -53.87 -5.53
C GLN B 103 -31.69 -54.37 -5.51
N TYR B 104 -32.21 -54.94 -4.42
CA TYR B 104 -33.59 -55.49 -4.41
C TYR B 104 -34.46 -54.78 -3.39
N LEU B 105 -34.03 -53.66 -2.86
CA LEU B 105 -34.79 -52.99 -1.79
C LEU B 105 -36.06 -52.34 -2.40
N SER B 106 -37.08 -52.17 -1.57
CA SER B 106 -38.38 -51.53 -1.92
C SER B 106 -38.72 -50.48 -0.88
N SER B 107 -39.39 -49.39 -1.28
CA SER B 107 -39.97 -48.35 -0.38
C SER B 107 -41.34 -48.76 0.17
N ALA B 108 -41.74 -50.02 -0.11
CA ALA B 108 -42.98 -50.64 0.42
C ALA B 108 -42.79 -50.92 1.91
N GLY B 109 -41.56 -51.26 2.32
CA GLY B 109 -41.16 -51.52 3.73
C GLY B 109 -39.95 -50.71 4.13
N VAL B 110 -39.97 -49.39 3.91
CA VAL B 110 -38.91 -48.40 4.32
C VAL B 110 -39.46 -47.46 5.41
N THR B 111 -38.72 -47.31 6.51
CA THR B 111 -38.81 -46.18 7.46
C THR B 111 -37.61 -45.26 7.24
N THR B 112 -37.81 -43.94 7.30
CA THR B 112 -36.73 -42.94 7.10
C THR B 112 -36.63 -42.04 8.32
N VAL B 113 -35.43 -41.83 8.80
CA VAL B 113 -35.18 -41.06 10.05
C VAL B 113 -34.16 -39.96 9.78
N GLN B 114 -34.38 -38.79 10.37
CA GLN B 114 -33.46 -37.63 10.32
C GLN B 114 -32.40 -37.80 11.41
N SER B 115 -31.13 -37.67 11.07
CA SER B 115 -30.00 -37.95 12.00
C SER B 115 -29.84 -36.84 13.03
N GLN B 116 -29.73 -37.22 14.31
CA GLN B 116 -29.41 -36.32 15.43
C GLN B 116 -27.89 -36.30 15.62
N GLN B 117 -27.41 -35.22 16.24
CA GLN B 117 -25.99 -35.10 16.62
C GLN B 117 -25.71 -36.03 17.79
N GLY B 118 -24.95 -37.10 17.58
CA GLY B 118 -24.56 -38.06 18.63
C GLY B 118 -25.23 -39.41 18.45
N THR B 119 -26.55 -39.49 18.67
CA THR B 119 -27.31 -40.75 18.60
C THR B 119 -28.68 -40.55 17.95
N THR B 120 -28.96 -41.37 16.94
CA THR B 120 -30.20 -41.29 16.12
C THR B 120 -31.13 -42.43 16.52
N THR B 121 -32.30 -42.10 17.03
CA THR B 121 -33.21 -43.10 17.61
C THR B 121 -34.22 -43.50 16.54
N ILE B 122 -34.40 -44.79 16.34
CA ILE B 122 -35.36 -45.36 15.34
C ILE B 122 -36.38 -46.21 16.13
N SER B 123 -37.55 -45.65 16.43
CA SER B 123 -38.62 -46.28 17.24
C SER B 123 -39.56 -47.08 16.33
N GLY B 124 -40.46 -47.86 16.93
CA GLY B 124 -41.65 -48.40 16.23
C GLY B 124 -41.29 -49.50 15.26
N LEU B 125 -40.15 -50.17 15.42
CA LEU B 125 -39.76 -51.27 14.50
C LEU B 125 -40.47 -52.55 14.92
N LYS B 126 -41.37 -53.06 14.08
CA LYS B 126 -41.89 -54.46 14.18
C LYS B 126 -40.71 -55.41 14.30
N PRO B 127 -40.88 -56.62 14.87
CA PRO B 127 -39.77 -57.56 15.01
C PRO B 127 -39.23 -58.04 13.65
N GLY B 128 -37.97 -58.43 13.63
CA GLY B 128 -37.31 -58.97 12.42
C GLY B 128 -35.95 -58.34 12.17
N TYR B 129 -35.53 -58.34 10.91
CA TYR B 129 -34.16 -58.02 10.44
C TYR B 129 -34.28 -56.82 9.51
N TYR B 130 -33.50 -55.78 9.77
CA TYR B 130 -33.53 -54.50 9.03
C TYR B 130 -32.17 -54.23 8.38
N LEU B 131 -32.19 -53.71 7.16
CA LEU B 131 -31.02 -53.08 6.52
C LEU B 131 -31.11 -51.55 6.72
N ILE B 132 -30.11 -50.97 7.34
CA ILE B 132 -29.96 -49.50 7.48
C ILE B 132 -28.91 -48.99 6.49
N LYS B 133 -29.28 -47.94 5.76
CA LYS B 133 -28.36 -47.20 4.87
C LYS B 133 -28.71 -45.71 4.88
N ASP B 134 -27.75 -44.87 4.48
CA ASP B 134 -28.07 -43.50 4.05
C ASP B 134 -28.91 -43.62 2.79
N SER B 135 -29.96 -42.83 2.72
CA SER B 135 -30.78 -42.60 1.51
C SER B 135 -29.91 -42.16 0.34
N ARG B 136 -30.09 -42.76 -0.84
CA ARG B 136 -29.09 -42.64 -1.93
C ARG B 136 -29.12 -41.20 -2.43
N GLY B 137 -27.95 -40.66 -2.71
CA GLY B 137 -27.81 -39.27 -3.19
C GLY B 137 -28.00 -38.25 -2.09
N SER B 138 -28.43 -38.64 -0.89
CA SER B 138 -28.91 -37.68 0.13
C SER B 138 -27.74 -36.83 0.65
N LEU B 139 -26.49 -37.15 0.33
CA LEU B 139 -25.31 -36.38 0.82
C LEU B 139 -24.55 -35.72 -0.34
N ASP B 140 -25.13 -35.67 -1.52
CA ASP B 140 -24.41 -35.11 -2.69
C ASP B 140 -24.41 -33.58 -2.55
N ASN B 141 -23.27 -32.96 -2.83
N ASN B 141 -23.28 -32.95 -2.86
CA ASN B 141 -23.13 -31.48 -2.81
CA ASN B 141 -23.16 -31.48 -2.78
C ASN B 141 -22.94 -30.99 -1.36
C ASN B 141 -23.45 -31.03 -1.33
N LYS B 142 -23.11 -31.86 -0.34
CA LYS B 142 -22.99 -31.44 1.08
C LYS B 142 -21.60 -31.82 1.57
N LYS B 143 -21.04 -31.12 2.51
CA LYS B 143 -19.59 -31.26 2.74
C LYS B 143 -19.37 -31.91 4.07
N GLY B 144 -18.29 -32.69 4.17
CA GLY B 144 -17.80 -33.28 5.42
C GLY B 144 -18.59 -34.51 5.86
N HIS B 145 -19.40 -35.12 4.98
CA HIS B 145 -20.27 -36.26 5.36
C HIS B 145 -19.87 -37.51 4.61
N ALA B 146 -20.32 -38.68 5.08
CA ALA B 146 -20.06 -39.95 4.36
C ALA B 146 -21.25 -40.89 4.48
N TYR B 147 -21.41 -41.75 3.47
CA TYR B 147 -22.40 -42.86 3.48
C TYR B 147 -21.91 -43.98 4.40
N THR B 148 -22.87 -44.57 5.12
CA THR B 148 -22.62 -45.73 6.00
C THR B 148 -22.58 -46.96 5.14
N SER B 149 -21.68 -47.86 5.48
CA SER B 149 -21.73 -49.27 5.05
C SER B 149 -23.13 -49.76 5.41
N PHE B 150 -23.74 -50.50 4.49
CA PHE B 150 -25.09 -51.09 4.70
C PHE B 150 -25.00 -51.93 5.97
N MET B 151 -25.94 -51.69 6.87
CA MET B 151 -25.91 -52.33 8.20
C MET B 151 -27.10 -53.27 8.31
N LEU B 152 -26.85 -54.55 8.55
CA LEU B 152 -27.95 -55.51 8.89
C LEU B 152 -28.07 -55.55 10.41
N GLN B 153 -29.26 -55.29 10.94
CA GLN B 153 -29.47 -55.27 12.40
C GLN B 153 -30.78 -56.02 12.68
N VAL B 154 -30.80 -56.91 13.68
CA VAL B 154 -32.05 -57.45 14.26
C VAL B 154 -32.66 -56.35 15.12
N ALA B 155 -33.97 -56.21 15.08
CA ALA B 155 -34.68 -55.25 15.93
C ALA B 155 -34.75 -55.69 17.40
N LYS B 156 -33.81 -55.22 18.21
CA LYS B 156 -33.90 -55.23 19.68
C LYS B 156 -33.90 -53.78 20.14
N ASP B 157 -34.08 -53.56 21.44
CA ASP B 157 -33.82 -52.24 22.07
C ASP B 157 -32.30 -52.18 22.30
N THR B 158 -31.53 -51.93 21.24
CA THR B 158 -30.05 -52.03 21.21
C THR B 158 -29.43 -50.69 20.75
N THR B 159 -28.14 -50.50 21.02
CA THR B 159 -27.32 -49.37 20.51
C THR B 159 -26.18 -49.92 19.63
N VAL B 160 -26.12 -49.51 18.37
CA VAL B 160 -25.01 -49.91 17.47
C VAL B 160 -24.42 -48.65 16.83
N ALA B 161 -23.10 -48.65 16.65
CA ALA B 161 -22.39 -47.49 16.04
C ALA B 161 -22.61 -47.49 14.51
N VAL B 162 -22.92 -46.34 13.94
CA VAL B 162 -23.14 -46.24 12.47
C VAL B 162 -21.79 -46.49 11.77
N LYS B 163 -21.76 -47.24 10.67
CA LYS B 163 -20.52 -47.70 10.00
C LYS B 163 -20.11 -46.64 8.96
N ALA B 164 -19.90 -45.43 9.44
CA ALA B 164 -19.64 -44.28 8.58
C ALA B 164 -18.56 -43.44 9.25
N ASP B 165 -17.52 -43.05 8.53
CA ASP B 165 -16.62 -41.99 9.05
C ASP B 165 -16.22 -41.09 7.89
N VAL B 166 -15.58 -40.01 8.21
CA VAL B 166 -15.11 -39.03 7.18
C VAL B 166 -13.65 -38.77 7.49
N PRO B 167 -12.83 -38.57 6.44
CA PRO B 167 -11.48 -38.06 6.64
C PRO B 167 -11.57 -36.63 7.17
N THR B 168 -10.48 -36.10 7.72
CA THR B 168 -10.42 -34.67 8.11
C THR B 168 -9.19 -34.01 7.48
N LEU B 169 -9.29 -32.70 7.28
CA LEU B 169 -8.16 -31.93 6.71
C LEU B 169 -7.92 -30.70 7.60
N THR B 170 -6.68 -30.57 8.05
CA THR B 170 -6.21 -29.46 8.89
C THR B 170 -5.07 -28.76 8.15
N LYS B 171 -5.18 -27.45 8.01
CA LYS B 171 -4.06 -26.66 7.47
C LYS B 171 -3.54 -25.74 8.56
N GLN B 172 -2.21 -25.72 8.67
CA GLN B 172 -1.51 -24.78 9.60
C GLN B 172 -0.23 -24.19 9.02
N VAL B 173 0.17 -23.09 9.62
CA VAL B 173 1.38 -22.34 9.20
C VAL B 173 2.32 -22.43 10.37
N ARG B 174 3.59 -22.64 10.09
CA ARG B 174 4.59 -22.64 11.16
C ARG B 174 4.82 -21.21 11.63
N ALA B 175 4.66 -20.98 12.94
CA ALA B 175 4.66 -19.64 13.55
C ALA B 175 6.04 -19.01 13.38
N ASN B 176 6.05 -17.70 13.44
CA ASN B 176 7.32 -16.92 13.39
C ASN B 176 8.23 -17.40 14.55
N GLY B 177 9.31 -18.14 14.21
CA GLY B 177 10.42 -18.54 15.11
C GLY B 177 9.92 -19.20 16.39
N SER B 178 9.15 -20.27 16.27
CA SER B 178 8.44 -20.95 17.38
C SER B 178 8.42 -22.45 17.11
N GLN B 179 8.80 -22.86 15.89
CA GLN B 179 8.74 -24.25 15.37
C GLN B 179 7.33 -24.82 15.55
N ASN B 180 6.35 -24.00 15.96
CA ASN B 180 4.98 -24.47 16.30
C ASN B 180 4.04 -24.15 15.15
N TYR B 181 3.14 -25.06 14.84
CA TYR B 181 2.10 -24.84 13.83
C TYR B 181 0.88 -24.20 14.50
N THR B 182 0.22 -23.30 13.77
CA THR B 182 -0.87 -22.43 14.27
C THR B 182 -1.80 -22.13 13.10
N ALA B 183 -2.97 -21.57 13.41
CA ALA B 183 -3.95 -21.12 12.40
C ALA B 183 -3.40 -19.91 11.64
N ALA B 184 -2.58 -19.06 12.28
CA ALA B 184 -2.14 -17.76 11.70
C ALA B 184 -0.95 -17.13 12.44
N THR B 185 -0.14 -16.39 11.72
CA THR B 185 1.04 -15.70 12.28
C THR B 185 1.37 -14.47 11.43
N ASP B 186 2.46 -13.76 11.71
CA ASP B 186 2.89 -12.61 10.87
C ASP B 186 4.30 -12.91 10.41
N TYR B 187 4.58 -12.53 9.19
CA TYR B 187 5.94 -12.61 8.63
C TYR B 187 6.23 -11.31 7.90
N ARG B 188 7.46 -11.18 7.45
CA ARG B 188 7.89 -10.07 6.57
C ARG B 188 7.84 -10.55 5.11
N ILE B 189 7.69 -9.61 4.21
CA ILE B 189 7.69 -9.86 2.75
C ILE B 189 9.05 -10.46 2.38
N GLY B 190 9.04 -11.49 1.53
CA GLY B 190 10.26 -12.15 1.03
C GLY B 190 10.76 -13.28 1.91
N GLN B 191 10.29 -13.37 3.16
CA GLN B 191 10.62 -14.50 4.07
C GLN B 191 9.84 -15.73 3.64
N ASN B 192 10.55 -16.87 3.53
CA ASN B 192 9.97 -18.21 3.22
C ASN B 192 9.26 -18.74 4.46
N ILE B 193 8.06 -19.26 4.26
CA ILE B 193 7.15 -19.64 5.38
C ILE B 193 6.80 -21.13 5.17
N LEU B 194 6.76 -21.89 6.24
CA LEU B 194 6.51 -23.34 6.12
C LEU B 194 5.04 -23.59 6.43
N PHE B 195 4.39 -24.29 5.49
CA PHE B 195 2.97 -24.70 5.65
C PHE B 195 2.87 -26.23 5.72
N GLN B 196 1.82 -26.66 6.40
CA GLN B 196 1.58 -28.10 6.69
C GLN B 196 0.09 -28.38 6.54
N ILE B 197 -0.27 -29.36 5.73
CA ILE B 197 -1.66 -29.86 5.64
C ILE B 197 -1.67 -31.32 6.08
N THR B 198 -2.54 -31.63 7.02
CA THR B 198 -2.64 -32.98 7.62
C THR B 198 -4.01 -33.58 7.33
N ALA B 199 -4.01 -34.72 6.64
CA ALA B 199 -5.24 -35.50 6.34
C ALA B 199 -5.24 -36.71 7.26
N THR B 200 -6.34 -36.91 7.97
CA THR B 200 -6.61 -38.18 8.66
C THR B 200 -7.51 -39.01 7.74
N LEU B 201 -7.51 -40.32 7.92
CA LEU B 201 -8.30 -41.24 7.06
C LEU B 201 -9.49 -41.69 7.88
N PRO B 202 -10.60 -42.10 7.23
CA PRO B 202 -11.78 -42.55 7.97
C PRO B 202 -11.56 -43.95 8.57
N SER B 203 -12.26 -44.26 9.67
CA SER B 203 -12.07 -45.52 10.42
C SER B 203 -12.45 -46.70 9.53
N ASN B 204 -13.25 -46.53 8.48
CA ASN B 204 -13.63 -47.63 7.56
C ASN B 204 -12.77 -47.59 6.29
N TYR B 205 -11.57 -47.03 6.36
CA TYR B 205 -10.71 -46.86 5.15
C TYR B 205 -10.62 -48.22 4.45
N ALA B 206 -10.53 -49.32 5.18
CA ALA B 206 -10.30 -50.69 4.65
C ALA B 206 -11.51 -51.19 3.86
N ASP B 207 -12.70 -50.66 4.15
CA ASP B 207 -13.96 -51.10 3.50
C ASP B 207 -14.04 -50.51 2.08
N PHE B 208 -13.20 -49.56 1.71
CA PHE B 208 -13.16 -49.01 0.32
C PHE B 208 -12.22 -49.87 -0.51
N THR B 209 -12.55 -50.13 -1.76
CA THR B 209 -11.62 -50.86 -2.66
C THR B 209 -10.80 -49.82 -3.45
N ARG B 210 -11.38 -48.67 -3.75
CA ARG B 210 -10.62 -47.54 -4.37
C ARG B 210 -10.89 -46.30 -3.53
N TYR B 211 -9.89 -45.43 -3.35
CA TYR B 211 -10.02 -44.25 -2.46
C TYR B 211 -9.50 -43.03 -3.20
N GLU B 212 -10.43 -42.29 -3.81
CA GLU B 212 -10.12 -40.99 -4.46
C GLU B 212 -9.73 -40.02 -3.35
N PHE B 213 -8.58 -39.37 -3.54
CA PHE B 213 -7.93 -38.46 -2.58
C PHE B 213 -7.34 -37.27 -3.33
N THR B 214 -7.92 -36.10 -3.17
CA THR B 214 -7.44 -34.89 -3.87
C THR B 214 -7.46 -33.72 -2.91
N ILE B 215 -6.27 -33.18 -2.61
CA ILE B 215 -6.16 -31.93 -1.82
C ILE B 215 -5.94 -30.80 -2.82
N LYS B 216 -6.82 -29.81 -2.80
CA LYS B 216 -6.62 -28.52 -3.51
C LYS B 216 -6.35 -27.44 -2.50
N ASP B 217 -5.28 -26.69 -2.69
CA ASP B 217 -4.86 -25.61 -1.76
C ASP B 217 -4.73 -24.31 -2.56
N THR B 218 -5.55 -23.34 -2.21
CA THR B 218 -5.57 -22.06 -2.95
C THR B 218 -4.67 -21.06 -2.25
N ILE B 219 -3.62 -20.61 -2.95
CA ILE B 219 -2.65 -19.60 -2.51
C ILE B 219 -3.24 -18.22 -2.82
N PRO B 220 -3.23 -17.27 -1.88
CA PRO B 220 -3.71 -15.92 -2.19
C PRO B 220 -2.74 -15.14 -3.10
N ALA B 221 -3.23 -14.14 -3.82
CA ALA B 221 -2.41 -13.29 -4.71
C ALA B 221 -1.22 -12.71 -3.94
N GLY B 222 -1.37 -12.49 -2.63
CA GLY B 222 -0.31 -11.87 -1.81
C GLY B 222 0.85 -12.81 -1.56
N MET B 223 0.82 -14.04 -2.07
CA MET B 223 1.83 -15.05 -1.67
C MET B 223 2.31 -15.82 -2.89
N THR B 224 3.56 -16.25 -2.87
CA THR B 224 4.20 -16.98 -3.98
C THR B 224 4.63 -18.33 -3.45
N TYR B 225 4.10 -19.38 -4.04
CA TYR B 225 4.45 -20.79 -3.74
C TYR B 225 5.84 -21.10 -4.35
N ASN B 226 6.60 -21.93 -3.65
CA ASN B 226 8.02 -22.22 -4.00
C ASN B 226 8.14 -23.53 -4.77
N ASN B 227 7.01 -24.10 -5.21
CA ASN B 227 6.97 -25.32 -6.06
C ASN B 227 7.75 -26.45 -5.36
N ASP B 228 7.53 -26.62 -4.07
CA ASP B 228 8.36 -27.55 -3.27
C ASP B 228 7.47 -28.41 -2.36
N ALA B 229 6.20 -28.64 -2.70
CA ALA B 229 5.33 -29.51 -1.88
C ALA B 229 5.89 -30.95 -1.82
N GLN B 230 5.89 -31.55 -0.63
CA GLN B 230 6.23 -32.99 -0.45
C GLN B 230 5.17 -33.65 0.42
N VAL B 231 4.94 -34.92 0.15
CA VAL B 231 3.87 -35.70 0.81
C VAL B 231 4.52 -36.78 1.65
N TYR B 232 4.08 -36.87 2.91
CA TYR B 232 4.68 -37.76 3.92
C TYR B 232 3.59 -38.66 4.49
N LEU B 233 3.87 -39.95 4.60
CA LEU B 233 3.03 -40.88 5.39
C LEU B 233 3.49 -40.82 6.84
N GLN B 234 2.60 -40.52 7.78
CA GLN B 234 2.95 -40.35 9.21
C GLN B 234 2.25 -41.46 10.02
N GLU B 235 3.02 -42.38 10.59
CA GLU B 235 2.50 -43.56 11.32
C GLU B 235 3.01 -43.54 12.77
N GLY B 236 2.22 -42.96 13.70
CA GLY B 236 2.49 -42.96 15.14
C GLY B 236 3.44 -41.84 15.56
N GLY B 237 4.71 -41.91 15.11
CA GLY B 237 5.69 -40.83 15.28
C GLY B 237 6.79 -40.78 14.24
N THR B 238 6.55 -41.37 13.08
CA THR B 238 7.58 -41.65 12.04
C THR B 238 7.04 -41.26 10.67
N GLU B 239 7.77 -40.43 9.93
CA GLU B 239 7.34 -39.99 8.60
C GLU B 239 8.07 -40.75 7.49
N LYS B 240 7.40 -40.93 6.37
CA LYS B 240 8.02 -41.56 5.20
C LYS B 240 7.60 -40.79 3.95
N ASP B 241 8.56 -40.40 3.15
CA ASP B 241 8.31 -39.56 1.98
C ASP B 241 7.60 -40.43 0.95
N ILE B 242 6.34 -40.12 0.65
CA ILE B 242 5.52 -40.86 -0.35
C ILE B 242 5.30 -39.97 -1.58
N SER B 243 6.00 -38.84 -1.65
CA SER B 243 5.85 -37.79 -2.72
C SER B 243 5.73 -38.44 -4.11
N THR B 244 6.49 -39.49 -4.39
CA THR B 244 6.59 -40.07 -5.76
C THR B 244 5.22 -40.57 -6.23
N PHE B 245 4.30 -40.84 -5.30
CA PHE B 245 2.90 -41.25 -5.64
C PHE B 245 2.01 -40.06 -6.02
N PHE B 246 2.38 -38.84 -5.61
CA PHE B 246 1.52 -37.63 -5.71
C PHE B 246 2.15 -36.66 -6.72
N PRO B 247 1.85 -36.73 -8.03
CA PRO B 247 2.25 -35.65 -8.93
C PRO B 247 1.39 -34.43 -8.52
N ILE B 248 2.04 -33.29 -8.44
CA ILE B 248 1.49 -32.05 -7.85
C ILE B 248 1.51 -31.03 -8.97
N SER B 249 0.40 -30.36 -9.20
CA SER B 249 0.30 -29.26 -10.18
C SER B 249 -0.08 -27.97 -9.47
N TYR B 250 0.38 -26.87 -10.04
CA TYR B 250 0.12 -25.49 -9.60
C TYR B 250 -0.35 -24.70 -10.82
N THR B 251 -1.63 -24.36 -10.87
CA THR B 251 -2.22 -23.50 -11.92
C THR B 251 -3.29 -22.67 -11.25
N GLY B 252 -3.36 -21.38 -11.56
CA GLY B 252 -4.40 -20.47 -11.05
C GLY B 252 -4.22 -20.27 -9.57
N ASN B 253 -2.98 -20.34 -9.11
CA ASN B 253 -2.69 -20.24 -7.65
C ASN B 253 -3.37 -21.41 -6.90
N VAL B 254 -3.56 -22.55 -7.54
CA VAL B 254 -4.20 -23.73 -6.89
C VAL B 254 -3.20 -24.88 -6.87
N ILE B 255 -2.80 -25.35 -5.72
CA ILE B 255 -1.97 -26.58 -5.64
C ILE B 255 -2.95 -27.75 -5.66
N THR B 256 -2.85 -28.64 -6.64
CA THR B 256 -3.58 -29.94 -6.61
C THR B 256 -2.61 -31.04 -6.24
N ILE B 257 -2.89 -31.81 -5.18
CA ILE B 257 -2.11 -33.01 -4.75
C ILE B 257 -3.08 -34.19 -4.79
N THR B 258 -2.77 -35.19 -5.63
CA THR B 258 -3.62 -36.41 -5.79
C THR B 258 -2.79 -37.55 -6.37
N PRO B 259 -2.89 -38.74 -5.75
CA PRO B 259 -2.29 -39.95 -6.28
C PRO B 259 -3.23 -40.72 -7.20
N GLY B 260 -4.41 -40.14 -7.52
CA GLY B 260 -5.51 -40.78 -8.26
C GLY B 260 -6.26 -41.75 -7.36
N ASP B 261 -5.57 -42.79 -6.89
CA ASP B 261 -6.10 -43.71 -5.88
C ASP B 261 -5.13 -43.79 -4.71
N LEU B 262 -5.57 -43.48 -3.49
CA LEU B 262 -4.69 -43.52 -2.30
C LEU B 262 -4.36 -44.99 -2.01
N LYS B 263 -5.20 -45.95 -2.44
CA LYS B 263 -4.87 -47.38 -2.24
C LYS B 263 -3.60 -47.75 -3.00
N TYR B 264 -3.11 -46.93 -3.94
CA TYR B 264 -1.80 -47.21 -4.57
C TYR B 264 -0.73 -47.24 -3.49
N VAL B 265 -0.87 -46.45 -2.45
CA VAL B 265 0.07 -46.41 -1.30
C VAL B 265 -0.36 -47.50 -0.30
N GLN B 266 0.28 -48.66 -0.37
CA GLN B 266 -0.13 -49.91 0.32
C GLN B 266 0.23 -49.80 1.81
N ASP B 267 1.26 -49.03 2.14
CA ASP B 267 1.72 -48.86 3.54
C ASP B 267 0.65 -48.14 4.40
N VAL B 268 -0.37 -47.57 3.78
CA VAL B 268 -1.33 -46.66 4.48
C VAL B 268 -2.27 -47.50 5.31
N LYS B 269 -2.27 -47.31 6.61
CA LYS B 269 -3.29 -47.89 7.51
C LYS B 269 -4.32 -46.82 7.87
N VAL B 270 -5.39 -47.22 8.50
CA VAL B 270 -6.48 -46.35 9.01
C VAL B 270 -5.92 -45.31 10.02
N SER B 271 -4.85 -45.64 10.72
CA SER B 271 -4.26 -44.75 11.75
C SER B 271 -3.20 -43.83 11.14
N SER B 272 -2.98 -43.92 9.81
CA SER B 272 -1.98 -43.11 9.10
C SER B 272 -2.48 -41.69 8.95
N LYS B 273 -1.54 -40.74 8.99
CA LYS B 273 -1.77 -39.35 8.52
C LYS B 273 -1.06 -39.12 7.18
N ILE B 274 -1.74 -38.43 6.24
CA ILE B 274 -1.09 -37.90 5.01
C ILE B 274 -0.75 -36.44 5.30
N VAL B 275 0.53 -36.09 5.24
CA VAL B 275 0.97 -34.73 5.59
C VAL B 275 1.71 -34.10 4.41
N ILE B 276 1.25 -32.94 3.99
CA ILE B 276 1.81 -32.16 2.85
C ILE B 276 2.59 -31.04 3.49
N ARG B 277 3.80 -30.83 3.03
CA ARG B 277 4.55 -29.63 3.43
C ARG B 277 5.10 -28.93 2.20
N TYR B 278 5.07 -27.62 2.27
CA TYR B 278 5.61 -26.75 1.20
C TYR B 278 5.97 -25.44 1.87
N THR B 279 6.64 -24.62 1.10
CA THR B 279 6.90 -23.23 1.53
C THR B 279 6.26 -22.28 0.53
N ALA B 280 5.96 -21.09 1.03
CA ALA B 280 5.48 -19.94 0.23
C ALA B 280 6.11 -18.73 0.87
N ARG B 281 6.08 -17.60 0.20
CA ARG B 281 6.60 -16.33 0.78
C ARG B 281 5.67 -15.19 0.39
N LEU B 282 5.37 -14.32 1.34
CA LEU B 282 4.70 -13.03 1.02
C LEU B 282 5.45 -12.29 -0.10
N ASN B 283 4.71 -11.69 -1.03
CA ASN B 283 5.25 -10.85 -2.13
C ASN B 283 4.70 -9.42 -2.02
N ASP B 284 5.02 -8.56 -2.99
CA ASP B 284 4.74 -7.10 -2.89
C ASP B 284 3.23 -6.86 -2.89
N ASP B 285 2.47 -7.78 -3.45
CA ASP B 285 0.99 -7.71 -3.50
C ASP B 285 0.34 -8.16 -2.18
N ALA B 286 1.12 -8.43 -1.14
CA ALA B 286 0.56 -8.88 0.13
C ALA B 286 -0.46 -7.87 0.64
N VAL B 287 -1.47 -8.35 1.33
CA VAL B 287 -2.43 -7.51 2.09
C VAL B 287 -1.78 -7.15 3.43
N MET B 288 -1.96 -5.90 3.82
CA MET B 288 -1.46 -5.35 5.09
C MET B 288 -2.58 -5.42 6.14
N GLY B 289 -2.27 -6.02 7.28
CA GLY B 289 -3.23 -6.12 8.39
C GLY B 289 -4.50 -6.82 7.89
N GLY B 290 -5.66 -6.33 8.38
CA GLY B 290 -7.01 -6.66 7.91
C GLY B 290 -7.25 -8.16 7.87
N LEU B 291 -7.77 -8.66 6.76
CA LEU B 291 -8.19 -10.09 6.60
C LEU B 291 -6.95 -10.92 6.24
N GLY B 292 -5.79 -10.28 6.12
CA GLY B 292 -4.52 -10.98 5.88
C GLY B 292 -4.47 -11.69 4.53
N ASN B 293 -3.57 -12.66 4.44
CA ASN B 293 -3.26 -13.38 3.19
C ASN B 293 -3.63 -14.85 3.37
N PRO B 294 -4.92 -15.24 3.29
CA PRO B 294 -5.27 -16.61 3.65
C PRO B 294 -5.05 -17.62 2.52
N ASN B 295 -4.60 -18.83 2.84
CA ASN B 295 -4.62 -19.99 1.91
C ASN B 295 -5.66 -20.99 2.45
N ILE B 296 -6.47 -21.52 1.55
CA ILE B 296 -7.68 -22.30 1.86
C ILE B 296 -7.53 -23.65 1.18
N ALA B 297 -7.59 -24.73 1.95
CA ALA B 297 -7.46 -26.11 1.42
C ALA B 297 -8.77 -26.90 1.65
N ARG B 298 -9.06 -27.81 0.74
CA ARG B 298 -10.11 -28.82 0.96
C ARG B 298 -9.65 -30.15 0.36
N LEU B 299 -10.23 -31.25 0.89
CA LEU B 299 -9.99 -32.66 0.48
C LEU B 299 -11.26 -33.17 -0.16
N THR B 300 -11.12 -33.68 -1.38
CA THR B 300 -12.15 -34.45 -2.09
C THR B 300 -11.82 -35.92 -1.85
N TYR B 301 -12.79 -36.65 -1.31
CA TYR B 301 -12.59 -38.04 -0.85
C TYR B 301 -13.77 -38.92 -1.28
N SER B 302 -13.47 -40.17 -1.59
CA SER B 302 -14.46 -41.26 -1.77
C SER B 302 -15.31 -41.34 -0.51
N ASN B 303 -16.63 -41.12 -0.63
CA ASN B 303 -17.49 -41.01 0.58
C ASN B 303 -18.44 -42.23 0.72
N ASP B 304 -18.38 -43.24 -0.20
CA ASP B 304 -19.33 -44.40 -0.15
C ASP B 304 -18.60 -45.75 -0.17
N PRO B 305 -18.48 -46.43 0.99
CA PRO B 305 -17.75 -47.68 1.08
C PRO B 305 -18.49 -48.89 0.48
N ASN B 306 -19.71 -48.70 -0.03
CA ASN B 306 -20.59 -49.79 -0.51
C ASN B 306 -20.34 -50.08 -1.99
N GLY B 307 -19.57 -51.13 -2.27
CA GLY B 307 -19.44 -51.74 -3.60
C GLY B 307 -18.62 -50.88 -4.53
N PHE B 308 -18.93 -50.94 -5.83
CA PHE B 308 -18.13 -50.47 -7.00
C PHE B 308 -18.43 -48.98 -7.26
N THR B 309 -18.30 -48.09 -6.30
CA THR B 309 -18.87 -46.73 -6.36
C THR B 309 -17.77 -45.67 -6.41
N SER B 310 -18.09 -44.51 -6.98
CA SER B 310 -17.16 -43.38 -7.21
C SER B 310 -17.86 -42.04 -6.95
N THR B 311 -18.73 -41.99 -5.92
CA THR B 311 -19.18 -40.69 -5.36
C THR B 311 -18.05 -40.11 -4.49
N THR B 312 -17.98 -38.79 -4.45
CA THR B 312 -17.02 -38.07 -3.59
C THR B 312 -17.73 -36.96 -2.83
N ALA B 313 -17.17 -36.59 -1.70
CA ALA B 313 -17.51 -35.35 -1.01
C ALA B 313 -16.22 -34.50 -0.85
N GLU B 314 -16.40 -33.25 -0.48
CA GLU B 314 -15.27 -32.38 -0.09
C GLU B 314 -15.32 -32.21 1.42
N THR B 315 -14.15 -32.12 2.07
CA THR B 315 -14.07 -31.63 3.48
C THR B 315 -14.50 -30.18 3.53
N PRO B 316 -15.01 -29.68 4.67
CA PRO B 316 -15.17 -28.25 4.89
C PRO B 316 -13.79 -27.61 4.69
N ASP B 317 -13.73 -26.31 4.47
CA ASP B 317 -12.49 -25.61 4.13
C ASP B 317 -11.60 -25.64 5.36
N THR B 318 -10.30 -25.76 5.18
CA THR B 318 -9.32 -25.50 6.24
C THR B 318 -8.41 -24.35 5.76
N LYS B 319 -8.10 -23.44 6.66
CA LYS B 319 -7.59 -22.08 6.33
C LYS B 319 -6.41 -21.76 7.23
N ALA B 320 -5.29 -21.34 6.64
CA ALA B 320 -4.17 -20.72 7.39
C ALA B 320 -4.02 -19.29 6.90
N ASN B 321 -3.35 -18.49 7.72
CA ASN B 321 -3.32 -17.02 7.50
C ASN B 321 -1.95 -16.47 7.90
N VAL B 322 -1.44 -15.54 7.10
CA VAL B 322 -0.16 -14.85 7.36
C VAL B 322 -0.43 -13.37 7.22
N TYR B 323 -0.28 -12.63 8.31
CA TYR B 323 -0.47 -11.15 8.32
C TYR B 323 0.89 -10.49 8.09
N THR B 324 0.88 -9.24 7.64
CA THR B 324 2.09 -8.39 7.59
C THR B 324 1.60 -6.95 7.70
N TYR B 325 2.48 -6.06 8.15
CA TYR B 325 2.13 -4.66 8.51
C TYR B 325 3.01 -3.72 7.69
N GLN B 326 2.58 -2.47 7.65
CA GLN B 326 3.30 -1.35 6.99
C GLN B 326 3.62 -0.24 8.00
N LEU B 327 4.86 0.22 8.02
CA LEU B 327 5.23 1.46 8.77
C LEU B 327 5.22 2.63 7.77
N LYS B 328 4.40 3.63 8.06
CA LYS B 328 4.41 4.90 7.31
C LYS B 328 5.12 5.95 8.16
N VAL B 329 6.29 6.42 7.73
CA VAL B 329 7.01 7.55 8.38
C VAL B 329 6.75 8.81 7.56
N ASN B 330 6.22 9.85 8.22
CA ASN B 330 6.00 11.19 7.64
C ASN B 330 7.08 12.16 8.16
N LYS B 331 7.85 12.76 7.26
CA LYS B 331 8.91 13.75 7.61
C LYS B 331 8.35 15.15 7.50
N VAL B 332 8.22 15.82 8.60
CA VAL B 332 7.67 17.21 8.57
C VAL B 332 8.57 18.13 9.40
N LYS B 333 8.23 19.42 9.40
CA LYS B 333 8.84 20.45 10.29
C LYS B 333 7.74 20.98 11.21
N GLU B 334 8.06 21.94 12.07
CA GLU B 334 7.23 22.24 13.27
C GLU B 334 5.91 22.86 12.83
N ASN B 335 5.80 23.36 11.62
CA ASN B 335 4.49 23.83 11.09
C ASN B 335 3.72 22.65 10.47
N GLN B 336 4.21 21.42 10.63
CA GLN B 336 3.50 20.21 10.18
C GLN B 336 3.46 20.09 8.66
N GLN B 337 4.03 21.00 7.89
CA GLN B 337 4.09 20.76 6.43
C GLN B 337 5.34 19.93 6.16
N ALA B 338 5.33 19.27 5.01
CA ALA B 338 6.30 18.23 4.62
C ALA B 338 7.71 18.80 4.70
N LEU B 339 8.70 17.98 5.00
CA LEU B 339 10.11 18.38 4.83
C LEU B 339 10.77 17.37 3.90
N ALA B 340 11.27 17.82 2.77
CA ALA B 340 11.98 16.96 1.81
C ALA B 340 13.39 16.78 2.28
N GLY B 341 14.09 15.80 1.74
CA GLY B 341 15.54 15.69 1.92
C GLY B 341 15.94 14.74 3.05
N ALA B 342 14.99 14.11 3.73
CA ALA B 342 15.30 13.08 4.73
C ALA B 342 15.43 11.73 4.06
N GLY B 343 16.29 10.89 4.64
CA GLY B 343 16.41 9.46 4.31
C GLY B 343 16.29 8.65 5.58
N PHE B 344 15.71 7.45 5.51
CA PHE B 344 15.56 6.58 6.70
C PHE B 344 16.04 5.17 6.38
N THR B 345 16.68 4.57 7.37
CA THR B 345 17.03 3.15 7.38
C THR B 345 16.26 2.51 8.53
N LEU B 346 15.67 1.36 8.26
CA LEU B 346 14.95 0.55 9.27
C LEU B 346 15.73 -0.73 9.52
N TYR B 347 15.93 -1.07 10.79
CA TYR B 347 16.64 -2.28 11.25
C TYR B 347 15.66 -3.12 12.05
N LYS B 348 15.74 -4.42 11.87
CA LYS B 348 15.00 -5.37 12.74
C LYS B 348 16.01 -6.10 13.63
N LYS B 349 15.65 -6.33 14.89
CA LYS B 349 16.42 -7.22 15.81
C LYS B 349 16.19 -8.68 15.38
N VAL B 350 17.20 -9.25 14.72
CA VAL B 350 17.26 -10.71 14.42
C VAL B 350 18.31 -11.34 15.35
N ASN B 351 17.84 -12.05 16.38
CA ASN B 351 18.68 -12.72 17.43
CA ASN B 351 18.70 -12.73 17.40
C ASN B 351 19.63 -11.67 18.03
N ASN B 352 19.06 -10.63 18.64
CA ASN B 352 19.79 -9.51 19.30
C ASN B 352 20.92 -9.00 18.40
N GLN B 353 20.61 -8.74 17.13
CA GLN B 353 21.59 -8.23 16.14
C GLN B 353 20.76 -7.45 15.10
N TYR B 354 20.56 -6.16 15.37
CA TYR B 354 19.85 -5.24 14.47
C TYR B 354 20.37 -5.41 13.04
N THR B 355 19.52 -5.92 12.16
CA THR B 355 19.84 -6.11 10.74
C THR B 355 19.03 -5.12 9.89
N GLU B 356 19.65 -4.53 8.87
CA GLU B 356 19.05 -3.53 7.94
C GLU B 356 18.06 -4.28 7.06
N ILE B 357 16.82 -3.81 6.92
CA ILE B 357 15.80 -4.49 6.07
C ILE B 357 15.34 -3.55 4.92
N LYS B 358 15.44 -2.25 5.10
CA LYS B 358 14.98 -1.28 4.08
C LYS B 358 15.65 0.08 4.29
N LYS B 359 16.19 0.64 3.23
CA LYS B 359 16.74 2.00 3.24
C LYS B 359 16.09 2.80 2.12
N PHE B 360 15.68 4.03 2.43
CA PHE B 360 15.31 5.07 1.45
C PHE B 360 16.43 6.14 1.41
N GLU B 361 17.07 6.34 0.27
CA GLU B 361 17.96 7.49 -0.03
C GLU B 361 17.09 8.76 -0.10
N ALA B 362 17.72 9.92 0.01
CA ALA B 362 17.05 11.23 0.12
C ALA B 362 16.74 11.93 -1.21
N ASP B 363 15.64 12.67 -1.22
CA ASP B 363 15.01 13.47 -2.34
CA ASP B 363 14.93 13.36 -2.33
C ASP B 363 13.81 14.43 -1.95
N SER B 364 12.77 14.43 -2.79
CA SER B 364 11.61 15.32 -2.49
C SER B 364 10.55 14.63 -1.65
N ASN B 365 10.63 13.32 -1.59
CA ASN B 365 9.66 12.50 -0.83
C ASN B 365 9.73 12.81 0.66
N SER B 366 8.57 12.93 1.29
CA SER B 366 8.44 13.14 2.75
C SER B 366 7.71 11.98 3.44
N THR B 367 7.20 11.02 2.69
CA THR B 367 6.51 9.83 3.23
C THR B 367 7.32 8.57 2.92
N PHE B 368 7.70 7.82 3.95
CA PHE B 368 8.48 6.57 3.78
C PHE B 368 7.61 5.39 4.20
N ASP B 369 7.26 4.53 3.25
CA ASP B 369 6.29 3.41 3.43
C ASP B 369 7.09 2.11 3.48
N PHE B 370 7.35 1.59 4.68
CA PHE B 370 8.05 0.32 4.90
C PHE B 370 6.98 -0.77 4.88
N LYS B 371 6.76 -1.38 3.73
CA LYS B 371 5.74 -2.44 3.56
C LYS B 371 6.33 -3.77 4.02
N GLY B 372 5.62 -4.52 4.85
CA GLY B 372 5.87 -5.96 4.97
C GLY B 372 6.64 -6.29 6.21
N LEU B 373 6.21 -5.68 7.33
CA LEU B 373 6.84 -5.85 8.66
C LEU B 373 5.97 -6.78 9.48
N ASP B 374 6.62 -7.54 10.35
CA ASP B 374 5.93 -8.46 11.28
C ASP B 374 6.15 -7.99 12.72
N SER B 375 5.66 -8.77 13.67
CA SER B 375 5.91 -8.56 15.12
C SER B 375 7.41 -8.72 15.38
N GLY B 376 7.99 -7.83 16.16
CA GLY B 376 9.43 -7.82 16.39
C GLY B 376 9.90 -6.46 16.86
N ASP B 377 11.21 -6.33 17.03
CA ASP B 377 11.84 -5.12 17.60
C ASP B 377 12.62 -4.47 16.47
N TYR B 378 12.40 -3.19 16.31
CA TYR B 378 12.86 -2.41 15.16
C TYR B 378 13.60 -1.21 15.68
N LYS B 379 14.54 -0.74 14.86
CA LYS B 379 15.22 0.57 15.04
C LYS B 379 15.12 1.37 13.75
N LEU B 380 14.55 2.56 13.84
CA LEU B 380 14.51 3.53 12.73
C LEU B 380 15.64 4.59 12.87
N VAL B 381 16.45 4.73 11.84
CA VAL B 381 17.63 5.64 11.84
C VAL B 381 17.43 6.64 10.73
N GLU B 382 17.54 7.94 11.03
CA GLU B 382 17.39 8.97 9.99
C GLU B 382 18.75 9.03 9.31
N SER B 383 19.01 8.14 8.37
CA SER B 383 20.36 7.94 7.75
C SER B 383 20.75 9.13 6.87
N THR B 384 19.83 10.06 6.61
CA THR B 384 20.15 11.34 5.93
C THR B 384 19.34 12.45 6.57
N VAL B 385 20.02 13.52 6.96
CA VAL B 385 19.41 14.67 7.68
C VAL B 385 19.22 15.78 6.66
N PRO B 386 18.00 16.33 6.55
CA PRO B 386 17.81 17.51 5.71
C PRO B 386 18.75 18.64 6.21
N SER B 387 19.43 19.29 5.29
CA SER B 387 20.24 20.49 5.53
C SER B 387 19.44 21.53 6.35
N GLY B 388 20.00 22.05 7.44
CA GLY B 388 19.36 23.11 8.27
C GLY B 388 18.59 22.55 9.45
N TYR B 389 18.53 21.22 9.59
CA TYR B 389 17.71 20.54 10.61
C TYR B 389 18.62 19.66 11.46
N ASN B 390 18.22 19.49 12.73
CA ASN B 390 18.85 18.55 13.69
C ASN B 390 18.50 17.11 13.29
N ALA B 391 19.47 16.20 13.43
CA ALA B 391 19.25 14.74 13.35
C ALA B 391 18.18 14.36 14.39
N MET B 392 17.16 13.61 13.97
CA MET B 392 16.27 12.81 14.84
C MET B 392 17.16 11.82 15.63
N LYS B 393 16.89 11.59 16.91
CA LYS B 393 17.49 10.44 17.67
C LYS B 393 16.86 9.12 17.15
N ASP B 394 17.68 8.07 17.02
CA ASP B 394 17.27 6.68 16.67
C ASP B 394 16.03 6.32 17.51
N ILE B 395 15.09 5.59 16.89
CA ILE B 395 13.87 5.11 17.57
C ILE B 395 13.90 3.58 17.58
N GLU B 396 14.12 2.98 18.75
CA GLU B 396 13.94 1.54 19.02
C GLU B 396 12.46 1.41 19.32
N PHE B 397 11.74 0.55 18.60
CA PHE B 397 10.28 0.36 18.79
C PHE B 397 9.93 -1.09 18.57
N THR B 398 8.77 -1.46 19.07
CA THR B 398 8.26 -2.85 19.00
C THR B 398 6.89 -2.89 18.32
N ILE B 399 6.76 -3.77 17.32
CA ILE B 399 5.48 -4.07 16.61
C ILE B 399 4.96 -5.38 17.17
N SER B 400 3.72 -5.33 17.60
CA SER B 400 3.04 -6.49 18.19
C SER B 400 1.66 -6.63 17.56
N GLY B 401 1.51 -7.62 16.69
CA GLY B 401 0.20 -8.05 16.18
C GLY B 401 -0.39 -9.06 17.12
N THR B 402 -1.62 -8.85 17.56
CA THR B 402 -2.39 -9.86 18.34
C THR B 402 -3.11 -10.79 17.34
N ILE B 403 -2.75 -12.06 17.34
CA ILE B 403 -3.37 -13.09 16.45
C ILE B 403 -3.93 -14.21 17.34
N ASP B 404 -5.24 -14.23 17.54
CA ASP B 404 -5.91 -15.23 18.41
C ASP B 404 -5.92 -16.63 17.74
N SER B 405 -6.46 -17.64 18.42
CA SER B 405 -6.38 -19.06 18.00
C SER B 405 -7.24 -19.27 16.74
N THR B 406 -8.39 -18.55 16.63
CA THR B 406 -9.20 -18.39 15.38
C THR B 406 -8.29 -18.09 14.19
N GLY B 407 -7.29 -17.22 14.39
CA GLY B 407 -6.39 -16.69 13.34
C GLY B 407 -6.82 -15.30 12.88
N ASP B 408 -7.69 -14.61 13.63
CA ASP B 408 -8.05 -13.17 13.43
C ASP B 408 -6.87 -12.30 13.90
N LEU B 409 -6.47 -11.35 13.08
CA LEU B 409 -5.65 -10.24 13.60
C LEU B 409 -6.61 -9.31 14.34
N THR B 410 -6.50 -9.21 15.65
CA THR B 410 -7.51 -8.50 16.51
C THR B 410 -6.93 -7.15 16.97
N ASN B 411 -5.61 -7.00 16.96
CA ASN B 411 -4.91 -5.84 17.56
C ASN B 411 -3.56 -5.63 16.88
N LEU B 412 -3.16 -4.37 16.77
CA LEU B 412 -1.84 -3.97 16.24
C LEU B 412 -1.35 -2.77 17.04
N THR B 413 -0.19 -2.93 17.66
CA THR B 413 0.44 -1.89 18.49
C THR B 413 1.89 -1.70 18.11
N ALA B 414 2.32 -0.46 18.19
CA ALA B 414 3.73 -0.06 18.04
C ALA B 414 4.07 0.79 19.26
N THR B 415 5.13 0.44 19.98
CA THR B 415 5.51 1.21 21.19
C THR B 415 6.98 1.53 21.09
N SER B 416 7.32 2.70 21.63
CA SER B 416 8.72 3.14 21.84
C SER B 416 8.76 3.95 23.12
N ALA B 417 9.83 3.79 23.91
CA ALA B 417 10.25 4.75 24.97
C ALA B 417 10.28 6.16 24.40
N THR B 418 10.84 6.32 23.21
CA THR B 418 11.35 7.60 22.62
C THR B 418 10.37 8.24 21.64
N ALA B 419 9.20 7.67 21.36
CA ALA B 419 8.38 8.09 20.18
C ALA B 419 6.94 7.60 20.32
N SER B 420 6.09 8.00 19.38
CA SER B 420 4.63 7.79 19.45
C SER B 420 4.08 7.42 18.06
N PHE B 421 3.34 6.33 17.94
CA PHE B 421 2.80 5.80 16.65
C PHE B 421 1.30 5.79 16.66
N GLU B 422 0.69 5.96 15.51
CA GLU B 422 -0.71 5.56 15.25
C GLU B 422 -0.66 4.16 14.65
N THR B 423 -1.70 3.38 14.89
CA THR B 423 -1.88 2.05 14.26
C THR B 423 -3.35 1.85 13.91
N ASP B 424 -3.60 1.20 12.78
CA ASP B 424 -4.96 0.77 12.37
C ASP B 424 -4.87 -0.68 11.92
N VAL B 425 -5.51 -1.56 12.64
CA VAL B 425 -5.36 -3.04 12.45
C VAL B 425 -5.93 -3.39 11.07
N ASN B 426 -6.98 -2.70 10.65
CA ASN B 426 -7.69 -3.01 9.38
C ASN B 426 -6.85 -2.65 8.17
N THR B 427 -6.02 -1.60 8.20
CA THR B 427 -5.13 -1.28 7.07
C THR B 427 -3.76 -1.92 7.34
N GLY B 428 -3.46 -2.32 8.56
CA GLY B 428 -2.10 -2.80 8.93
C GLY B 428 -1.05 -1.70 8.92
N ILE B 429 -1.49 -0.44 8.91
CA ILE B 429 -0.55 0.72 8.83
C ILE B 429 -0.25 1.20 10.23
N ILE B 430 1.04 1.24 10.52
CA ILE B 430 1.62 1.98 11.68
C ILE B 430 2.15 3.32 11.19
N THR B 431 1.60 4.45 11.66
CA THR B 431 2.07 5.80 11.27
C THR B 431 3.01 6.39 12.31
N LEU B 432 4.16 6.90 11.88
CA LEU B 432 5.09 7.71 12.69
C LEU B 432 5.31 9.05 11.99
N LYS B 433 4.95 10.13 12.68
CA LYS B 433 5.18 11.52 12.19
C LYS B 433 6.46 12.03 12.84
N VAL B 434 7.51 12.30 12.07
CA VAL B 434 8.81 12.75 12.61
C VAL B 434 8.90 14.28 12.41
N VAL B 435 8.93 15.02 13.50
CA VAL B 435 8.91 16.50 13.45
C VAL B 435 10.37 17.00 13.48
N ASN B 436 10.81 17.66 12.41
CA ASN B 436 12.22 18.13 12.30
C ASN B 436 12.31 19.54 12.93
N LYS B 437 13.28 19.71 13.81
CA LYS B 437 13.70 21.02 14.40
C LYS B 437 14.84 21.62 13.58
N GLN B 438 14.70 22.90 13.24
CA GLN B 438 15.77 23.71 12.61
C GLN B 438 16.98 23.79 13.53
N GLY B 439 18.18 23.71 12.95
CA GLY B 439 19.44 24.15 13.58
C GLY B 439 19.38 25.62 14.02
N ALA B 440 20.34 26.05 14.83
CA ALA B 440 20.36 27.38 15.44
C ALA B 440 21.13 28.34 14.52
N LEU B 441 20.56 29.52 14.25
CA LEU B 441 21.26 30.62 13.56
C LEU B 441 21.76 31.58 14.64
N LEU B 442 22.96 31.35 15.13
CA LEU B 442 23.39 31.98 16.39
C LEU B 442 23.85 33.42 16.15
N PRO B 443 23.46 34.34 17.07
CA PRO B 443 23.94 35.71 17.01
C PRO B 443 25.43 35.79 17.38
N ASN B 444 26.10 36.79 16.82
CA ASN B 444 27.54 37.07 17.06
C ASN B 444 27.64 38.45 17.70
N THR B 445 28.24 38.57 18.89
CA THR B 445 28.40 39.88 19.58
C THR B 445 29.19 40.82 18.64
NA NA C . 5.82 15.36 -9.73
NA NA D . 6.66 16.76 -11.71
NA NA E . 19.54 38.45 -10.36
NA NA F . 39.44 56.60 -13.38
S SO4 G . 42.91 72.30 -10.39
O1 SO4 G . 41.82 72.51 -11.30
O2 SO4 G . 42.41 71.83 -9.12
O3 SO4 G . 43.62 73.55 -10.20
O4 SO4 G . 43.82 71.34 -10.94
C1 GOL H . 32.05 43.45 -2.71
O1 GOL H . 33.10 43.82 -3.59
C2 GOL H . 30.68 43.65 -3.34
O2 GOL H . 30.60 42.92 -4.57
C3 GOL H . 29.54 43.24 -2.43
O3 GOL H . 28.27 43.61 -2.97
CD CD I . 40.95 54.69 -13.25
CD CD J . 16.18 40.79 -1.04
CD CD K . 31.70 60.99 7.07
CL CL L . 16.62 41.27 -3.19
NA NA M . -23.71 -42.12 7.22
NA NA N . -14.55 -41.33 3.09
S SO4 O . -43.03 -69.81 4.58
O1 SO4 O . -41.78 -70.42 4.96
O2 SO4 O . -44.06 -70.80 4.55
O3 SO4 O . -42.91 -69.21 3.29
O4 SO4 O . -43.39 -68.78 5.51
CD CD P . -42.05 -53.39 8.89
CD CD Q . -30.55 -64.93 -9.43
CD CD R . -21.87 -36.71 8.85
#